data_6FVZ
#
_entry.id   6FVZ
#
_cell.length_a   131.182
_cell.length_b   222.753
_cell.length_c   86.482
_cell.angle_alpha   90.00
_cell.angle_beta   90.00
_cell.angle_gamma   90.00
#
_symmetry.space_group_name_H-M   'C 2 2 2'
#
loop_
_entity.id
_entity.type
_entity.pdbx_description
1 polymer 'Amine oxidase [flavin-containing] B'
2 non-polymer 'FLAVIN-ADENINE DINUCLEOTIDE'
3 non-polymer ~{N}-(3,4-dimethylphenyl)-4-oxidanylidene-chromene-3-carboxamide
4 non-polymer N-DODECYL-N,N-DIMETHYL-3-AMMONIO-1-PROPANESULFONATE
5 non-polymer GLYCEROL
6 water water
#
_entity_poly.entity_id   1
_entity_poly.type   'polypeptide(L)'
_entity_poly.pdbx_seq_one_letter_code
;MSNKCDVVVVGGGISGMAAAKLLHDSGLNVVVLEARDRVGGRTYTLRNQKVKYVDLGGSYVGPTQNRILRLAKELGLETY
KVNEVERLIHHVKGKSYPFRGPFPPVWNPITYLDHNNFWRTMDDMGREIPSDAPWKAPLAEEWDNMTMKELLDKLCWTES
AKQLATLFVNLCVTAETHEVSALWFLWYVKQCGGTTRIISTTNGGQERKFVGGSGQVSERIMDLLGDRVKLERPVIYIDQ
TRENVLVETLNHEMYEAKYVISAIPPTLGMKIHFNPPLPMMRNQMITRVPLGSVIKCIVYYKEPFWRKKDYCGTMIIDGE
EAPVAYTLDDTKPEGNYAAIMGFILAHKARKLARLTKEERLKKLCELYAKVLGSLEALEPVHYEEKNWCEEQYSGGCYTT
YFPPGILTQYGRVLRQPVDRIYFAGTETATHWSGYMEGAVEAGERAAREILHAMGKIPEDEIWQSEPESVDVPAQPITTT
FLERHLPSVPGLLRLIGLTTIFSATALGFLAHKRGLLVRV
;
_entity_poly.pdbx_strand_id   A,B
#
loop_
_chem_comp.id
_chem_comp.type
_chem_comp.name
_chem_comp.formula
C15 non-polymer N-DODECYL-N,N-DIMETHYL-3-AMMONIO-1-PROPANESULFONATE 'C17 H38 N O3 S 1'
E8Z non-polymer ~{N}-(3,4-dimethylphenyl)-4-oxidanylidene-chromene-3-carboxamide 'C18 H15 N O3'
FAD non-polymer 'FLAVIN-ADENINE DINUCLEOTIDE' 'C27 H33 N9 O15 P2'
GOL non-polymer GLYCEROL 'C3 H8 O3'
#
# COMPACT_ATOMS: atom_id res chain seq x y z
N SER A 2 -32.17 -12.10 -12.39
CA SER A 2 -31.66 -11.24 -11.28
C SER A 2 -32.66 -11.13 -10.11
N ASN A 3 -32.11 -11.02 -8.90
CA ASN A 3 -32.89 -10.76 -7.69
C ASN A 3 -32.93 -9.24 -7.55
N LYS A 4 -34.14 -8.66 -7.48
CA LYS A 4 -34.31 -7.20 -7.58
C LYS A 4 -34.50 -6.62 -6.18
N CYS A 5 -33.94 -5.44 -5.93
CA CYS A 5 -34.16 -4.72 -4.67
C CYS A 5 -33.83 -3.24 -4.86
N ASP A 6 -34.00 -2.45 -3.80
CA ASP A 6 -33.64 -1.05 -3.82
C ASP A 6 -32.14 -0.83 -3.67
N VAL A 7 -31.55 -1.50 -2.67
CA VAL A 7 -30.12 -1.32 -2.31
C VAL A 7 -29.46 -2.66 -2.01
N VAL A 8 -28.32 -2.91 -2.65
CA VAL A 8 -27.44 -4.02 -2.32
C VAL A 8 -26.36 -3.45 -1.38
N VAL A 9 -26.19 -4.09 -0.23
CA VAL A 9 -25.11 -3.77 0.71
C VAL A 9 -24.07 -4.86 0.55
N VAL A 10 -22.85 -4.48 0.19
CA VAL A 10 -21.75 -5.41 0.03
C VAL A 10 -21.00 -5.43 1.37
N GLY A 11 -21.11 -6.55 2.08
CA GLY A 11 -20.47 -6.75 3.37
C GLY A 11 -21.46 -6.72 4.52
N GLY A 12 -21.41 -7.77 5.33
CA GLY A 12 -22.24 -7.96 6.51
C GLY A 12 -21.50 -7.77 7.83
N GLY A 13 -20.57 -6.80 7.90
CA GLY A 13 -19.95 -6.43 9.17
C GLY A 13 -20.88 -5.42 9.82
N ILE A 14 -20.46 -4.83 10.93
CA ILE A 14 -21.30 -3.88 11.66
C ILE A 14 -21.76 -2.71 10.76
N SER A 15 -20.85 -2.20 9.93
CA SER A 15 -21.16 -1.08 9.06
C SER A 15 -22.24 -1.42 8.03
N GLY A 16 -22.07 -2.53 7.32
CA GLY A 16 -23.08 -2.95 6.36
C GLY A 16 -24.42 -3.27 7.01
N MET A 17 -24.35 -3.95 8.16
CA MET A 17 -25.57 -4.34 8.89
C MET A 17 -26.31 -3.12 9.44
N ALA A 18 -25.56 -2.11 9.93
CA ALA A 18 -26.19 -0.85 10.39
C ALA A 18 -26.85 -0.08 9.25
N ALA A 19 -26.19 -0.05 8.09
CA ALA A 19 -26.74 0.58 6.88
C ALA A 19 -28.00 -0.14 6.44
N ALA A 20 -27.92 -1.46 6.34
CA ALA A 20 -29.05 -2.27 5.93
C ALA A 20 -30.25 -2.09 6.86
N LYS A 21 -29.99 -2.05 8.17
CA LYS A 21 -31.06 -1.84 9.14
C LYS A 21 -31.73 -0.49 8.96
N LEU A 22 -30.95 0.57 8.82
CA LEU A 22 -31.54 1.90 8.62
C LEU A 22 -32.44 1.94 7.36
N LEU A 23 -31.93 1.41 6.25
CA LEU A 23 -32.67 1.38 4.99
C LEU A 23 -33.97 0.54 5.10
N HIS A 24 -33.87 -0.63 5.75
CA HIS A 24 -35.00 -1.51 5.97
C HIS A 24 -36.06 -0.83 6.84
N ASP A 25 -35.62 -0.17 7.91
CA ASP A 25 -36.53 0.56 8.81
C ASP A 25 -37.21 1.74 8.11
N SER A 26 -36.57 2.32 7.10
CA SER A 26 -37.15 3.41 6.32
CA SER A 26 -37.15 3.40 6.31
C SER A 26 -38.10 2.91 5.21
N GLY A 27 -38.35 1.60 5.14
CA GLY A 27 -39.25 1.02 4.14
C GLY A 27 -38.65 0.55 2.82
N LEU A 28 -37.33 0.54 2.66
CA LEU A 28 -36.72 0.04 1.42
C LEU A 28 -36.48 -1.46 1.48
N ASN A 29 -36.39 -2.07 0.30
CA ASN A 29 -36.02 -3.46 0.13
C ASN A 29 -34.50 -3.55 -0.04
N VAL A 30 -33.86 -4.20 0.93
CA VAL A 30 -32.40 -4.36 0.97
C VAL A 30 -31.98 -5.81 0.88
N VAL A 31 -30.81 -6.01 0.28
CA VAL A 31 -30.13 -7.29 0.34
C VAL A 31 -28.70 -7.04 0.87
N VAL A 32 -28.22 -7.92 1.75
CA VAL A 32 -26.83 -7.89 2.23
C VAL A 32 -26.09 -9.08 1.61
N LEU A 33 -25.03 -8.78 0.87
CA LEU A 33 -24.23 -9.85 0.27
C LEU A 33 -22.93 -9.98 1.11
N GLU A 34 -22.80 -11.12 1.78
CA GLU A 34 -21.68 -11.37 2.70
C GLU A 34 -20.83 -12.52 2.18
N ALA A 35 -19.53 -12.28 2.03
CA ALA A 35 -18.58 -13.27 1.54
C ALA A 35 -18.46 -14.53 2.42
N ARG A 36 -18.47 -14.36 3.73
CA ARG A 36 -18.24 -15.46 4.66
C ARG A 36 -19.52 -16.25 4.95
N ASP A 37 -19.34 -17.38 5.61
CA ASP A 37 -20.47 -18.13 6.18
C ASP A 37 -21.05 -17.56 7.49
N ARG A 38 -20.72 -16.30 7.82
CA ARG A 38 -21.19 -15.65 9.05
C ARG A 38 -21.20 -14.14 8.80
N VAL A 39 -21.97 -13.43 9.61
CA VAL A 39 -21.86 -11.98 9.71
C VAL A 39 -20.89 -11.55 10.85
N GLY A 40 -20.53 -10.27 10.87
CA GLY A 40 -19.69 -9.67 11.93
C GLY A 40 -18.34 -9.15 11.48
N GLY A 41 -17.75 -9.80 10.47
CA GLY A 41 -16.53 -9.35 9.83
C GLY A 41 -15.32 -9.33 10.76
N ARG A 42 -14.84 -8.12 11.05
CA ARG A 42 -13.74 -7.92 11.98
C ARG A 42 -14.15 -8.08 13.47
N THR A 43 -15.46 -8.29 13.72
CA THR A 43 -15.92 -8.81 14.98
C THR A 43 -16.23 -10.30 14.81
N TYR A 44 -15.91 -11.07 15.84
CA TYR A 44 -16.15 -12.52 15.85
C TYR A 44 -16.15 -13.03 17.28
N THR A 45 -17.29 -13.54 17.70
CA THR A 45 -17.47 -14.05 19.03
C THR A 45 -17.50 -15.56 18.91
N LEU A 46 -16.46 -16.24 19.40
CA LEU A 46 -16.42 -17.71 19.46
C LEU A 46 -17.16 -18.22 20.70
N ARG A 47 -17.95 -19.28 20.53
CA ARG A 47 -18.63 -19.92 21.66
C ARG A 47 -18.28 -21.38 21.72
N ASN A 48 -17.87 -21.82 22.91
CA ASN A 48 -17.63 -23.24 23.22
C ASN A 48 -17.73 -23.39 24.74
N GLN A 49 -17.72 -24.62 25.22
CA GLN A 49 -17.92 -24.87 26.65
C GLN A 49 -16.75 -24.42 27.54
N LYS A 50 -15.53 -24.37 26.99
CA LYS A 50 -14.38 -23.96 27.80
C LYS A 50 -14.34 -22.47 28.06
N VAL A 51 -14.81 -21.65 27.12
CA VAL A 51 -14.75 -20.19 27.25
C VAL A 51 -16.10 -19.50 27.49
N LYS A 52 -17.17 -20.26 27.29
CA LYS A 52 -18.55 -19.76 27.12
C LYS A 52 -18.72 -18.90 25.85
N TYR A 53 -18.15 -17.69 25.86
CA TYR A 53 -18.04 -16.84 24.67
C TYR A 53 -16.73 -16.08 24.80
N VAL A 54 -16.11 -15.72 23.66
CA VAL A 54 -14.94 -14.83 23.68
C VAL A 54 -14.87 -14.05 22.37
N ASP A 55 -14.64 -12.74 22.48
CA ASP A 55 -14.39 -11.91 21.33
C ASP A 55 -12.97 -12.15 20.81
N LEU A 56 -12.88 -12.70 19.61
CA LEU A 56 -11.58 -12.85 18.91
C LEU A 56 -11.26 -11.69 17.97
N GLY A 57 -12.25 -10.84 17.67
CA GLY A 57 -12.03 -9.59 16.94
C GLY A 57 -12.35 -8.40 17.84
N GLY A 58 -12.93 -7.37 17.23
CA GLY A 58 -13.31 -6.16 17.94
C GLY A 58 -14.17 -6.45 19.16
N SER A 59 -13.88 -5.77 20.27
CA SER A 59 -14.48 -6.08 21.57
C SER A 59 -14.88 -4.85 22.39
N TYR A 60 -13.96 -3.91 22.54
CA TYR A 60 -14.15 -2.79 23.48
C TYR A 60 -14.98 -1.63 22.95
N VAL A 61 -15.80 -1.10 23.84
CA VAL A 61 -16.50 0.15 23.61
C VAL A 61 -16.32 1.06 24.82
N GLY A 62 -16.56 2.35 24.64
CA GLY A 62 -16.35 3.29 25.73
C GLY A 62 -17.06 4.62 25.60
N PRO A 63 -16.90 5.49 26.61
CA PRO A 63 -17.49 6.82 26.52
C PRO A 63 -17.14 7.59 25.25
N THR A 64 -18.14 8.34 24.77
CA THR A 64 -18.15 9.09 23.49
C THR A 64 -18.45 8.23 22.26
N GLN A 65 -18.55 6.91 22.42
CA GLN A 65 -18.92 6.02 21.31
C GLN A 65 -20.43 5.76 21.36
N ASN A 66 -21.20 6.83 21.18
CA ASN A 66 -22.64 6.77 21.44
C ASN A 66 -23.48 6.02 20.40
N ARG A 67 -22.99 5.93 19.15
CA ARG A 67 -23.75 5.24 18.07
C ARG A 67 -23.78 3.75 18.27
N ILE A 68 -22.62 3.15 18.51
CA ILE A 68 -22.56 1.71 18.81
C ILE A 68 -23.30 1.37 20.12
N LEU A 69 -23.21 2.24 21.14
CA LEU A 69 -23.93 1.97 22.37
C LEU A 69 -25.47 1.99 22.17
N ARG A 70 -25.95 2.96 21.39
CA ARG A 70 -27.39 3.10 21.08
C ARG A 70 -27.87 1.92 20.24
N LEU A 71 -27.12 1.59 19.19
CA LEU A 71 -27.47 0.44 18.35
C LEU A 71 -27.53 -0.84 19.15
N ALA A 72 -26.47 -1.10 19.92
CA ALA A 72 -26.42 -2.30 20.75
C ALA A 72 -27.58 -2.35 21.78
N LYS A 73 -27.84 -1.21 22.41
CA LYS A 73 -28.92 -1.13 23.39
C LYS A 73 -30.29 -1.44 22.75
N GLU A 74 -30.54 -0.89 21.57
CA GLU A 74 -31.78 -1.12 20.85
C GLU A 74 -31.96 -2.60 20.51
N LEU A 75 -30.85 -3.29 20.24
CA LEU A 75 -30.87 -4.73 19.98
C LEU A 75 -30.99 -5.61 21.21
N GLY A 76 -31.07 -5.01 22.40
CA GLY A 76 -31.23 -5.75 23.64
C GLY A 76 -29.93 -6.17 24.32
N LEU A 77 -28.81 -5.56 23.94
CA LEU A 77 -27.50 -5.90 24.52
C LEU A 77 -27.14 -4.97 25.69
N GLU A 78 -26.26 -5.48 26.55
CA GLU A 78 -25.74 -4.76 27.72
C GLU A 78 -24.22 -4.77 27.73
N THR A 79 -23.62 -3.77 28.38
CA THR A 79 -22.17 -3.73 28.61
C THR A 79 -21.79 -4.09 30.05
N TYR A 80 -20.49 -4.37 30.24
CA TYR A 80 -19.89 -4.44 31.56
C TYR A 80 -18.47 -3.83 31.49
N LYS A 81 -17.95 -3.41 32.64
CA LYS A 81 -16.64 -2.74 32.71
C LYS A 81 -15.48 -3.72 32.75
N VAL A 82 -14.48 -3.47 31.92
CA VAL A 82 -13.22 -4.20 31.94
C VAL A 82 -12.57 -3.94 33.30
N ASN A 83 -11.95 -4.95 33.89
CA ASN A 83 -11.39 -4.81 35.24
C ASN A 83 -10.20 -3.86 35.29
N GLU A 84 -10.38 -2.73 35.99
CA GLU A 84 -9.28 -1.81 36.30
C GLU A 84 -9.31 -1.41 37.78
N VAL A 85 -9.80 -2.29 38.63
CA VAL A 85 -9.88 -2.04 40.08
C VAL A 85 -8.47 -1.91 40.68
N GLU A 86 -7.60 -2.85 40.34
CA GLU A 86 -6.26 -2.91 40.95
C GLU A 86 -5.19 -2.18 40.08
N ARG A 87 -3.89 -2.37 40.39
CA ARG A 87 -2.83 -1.62 39.72
C ARG A 87 -2.53 -2.12 38.30
N LEU A 88 -2.15 -1.19 37.44
CA LEU A 88 -1.66 -1.49 36.08
C LEU A 88 -0.16 -1.78 36.22
N ILE A 89 0.43 -2.41 35.22
CA ILE A 89 1.89 -2.64 35.21
C ILE A 89 2.52 -2.06 33.97
N HIS A 90 3.62 -1.32 34.15
CA HIS A 90 4.49 -0.94 33.05
C HIS A 90 5.78 -1.76 33.21
N HIS A 91 6.07 -2.60 32.22
CA HIS A 91 7.25 -3.47 32.21
C HIS A 91 8.26 -2.90 31.21
N VAL A 92 9.41 -2.48 31.71
CA VAL A 92 10.40 -1.85 30.88
C VAL A 92 11.79 -2.25 31.38
N LYS A 93 12.67 -2.55 30.41
CA LYS A 93 14.02 -3.07 30.68
C LYS A 93 14.01 -4.26 31.67
N GLY A 94 13.09 -5.19 31.45
CA GLY A 94 13.07 -6.41 32.20
C GLY A 94 12.47 -6.36 33.59
N LYS A 95 11.96 -5.19 34.03
CA LYS A 95 11.35 -5.01 35.36
C LYS A 95 9.93 -4.42 35.29
N SER A 96 9.08 -4.79 36.24
CA SER A 96 7.70 -4.31 36.33
C SER A 96 7.52 -3.22 37.39
N TYR A 97 6.80 -2.17 37.00
CA TYR A 97 6.54 -0.97 37.82
C TYR A 97 5.03 -0.77 37.89
N PRO A 98 4.43 -1.14 39.02
CA PRO A 98 2.96 -0.96 39.11
C PRO A 98 2.58 0.49 39.30
N PHE A 99 1.38 0.83 38.89
CA PHE A 99 0.92 2.21 38.92
C PHE A 99 -0.59 2.32 38.78
N ARG A 100 -1.06 3.54 39.00
CA ARG A 100 -2.47 3.92 38.82
C ARG A 100 -2.55 5.17 37.95
N GLY A 101 -3.70 5.32 37.27
CA GLY A 101 -3.92 6.45 36.35
C GLY A 101 -3.65 5.88 34.98
N PRO A 102 -4.01 6.63 33.92
CA PRO A 102 -3.88 6.08 32.56
C PRO A 102 -2.44 5.95 32.03
N PHE A 103 -1.54 6.85 32.45
CA PHE A 103 -0.13 6.85 32.01
C PHE A 103 0.82 6.37 33.13
N PRO A 104 1.85 5.55 32.82
CA PRO A 104 2.86 5.23 33.85
C PRO A 104 3.55 6.49 34.40
N PRO A 105 3.72 6.60 35.71
CA PRO A 105 4.39 7.84 36.18
C PRO A 105 5.87 7.88 35.81
N VAL A 106 6.40 9.07 35.60
CA VAL A 106 7.78 9.28 35.20
C VAL A 106 8.41 10.19 36.25
N TRP A 107 9.51 9.74 36.88
CA TRP A 107 10.10 10.47 38.02
C TRP A 107 11.24 11.43 37.66
N ASN A 108 12.13 11.00 36.77
CA ASN A 108 13.24 11.85 36.34
C ASN A 108 12.66 13.15 35.75
N PRO A 109 13.03 14.32 36.30
CA PRO A 109 12.44 15.56 35.82
C PRO A 109 12.59 15.87 34.31
N ILE A 110 13.73 15.53 33.73
CA ILE A 110 13.96 15.79 32.30
C ILE A 110 13.07 14.88 31.46
N THR A 111 13.04 13.62 31.84
CA THR A 111 12.18 12.62 31.22
C THR A 111 10.71 12.98 31.40
N TYR A 112 10.35 13.49 32.59
CA TYR A 112 8.99 13.94 32.82
C TYR A 112 8.60 15.05 31.82
N LEU A 113 9.47 16.05 31.65
CA LEU A 113 9.22 17.12 30.68
C LEU A 113 9.06 16.58 29.24
N ASP A 114 9.89 15.62 28.87
CA ASP A 114 9.84 15.04 27.53
C ASP A 114 8.54 14.26 27.30
N HIS A 115 8.15 13.45 28.29
CA HIS A 115 6.89 12.67 28.20
C HIS A 115 5.69 13.62 28.13
N ASN A 116 5.65 14.60 29.02
CA ASN A 116 4.56 15.53 29.07
C ASN A 116 4.41 16.27 27.74
N ASN A 117 5.53 16.74 27.19
CA ASN A 117 5.54 17.43 25.90
C ASN A 117 5.11 16.52 24.74
N PHE A 118 5.51 15.25 24.79
CA PHE A 118 5.14 14.32 23.72
C PHE A 118 3.61 14.23 23.57
N TRP A 119 2.92 13.88 24.65
CA TRP A 119 1.46 13.70 24.59
C TRP A 119 0.78 15.04 24.25
N ARG A 120 1.23 16.10 24.91
CA ARG A 120 0.69 17.44 24.66
C ARG A 120 0.81 17.83 23.18
N THR A 121 1.97 17.57 22.59
CA THR A 121 2.24 17.94 21.21
C THR A 121 1.39 17.11 20.22
N MET A 122 1.19 15.82 20.49
CA MET A 122 0.32 15.00 19.65
C MET A 122 -1.07 15.63 19.59
N ASP A 123 -1.60 16.06 20.74
CA ASP A 123 -2.91 16.70 20.75
C ASP A 123 -2.88 18.10 20.14
N ASP A 124 -1.80 18.85 20.39
CA ASP A 124 -1.67 20.19 19.82
C ASP A 124 -1.73 20.10 18.28
N MET A 125 -0.95 19.19 17.73
CA MET A 125 -0.93 18.98 16.29
C MET A 125 -2.31 18.52 15.80
N GLY A 126 -2.94 17.62 16.55
CA GLY A 126 -4.28 17.12 16.22
C GLY A 126 -5.34 18.21 16.05
N ARG A 127 -5.28 19.23 16.91
CA ARG A 127 -6.22 20.34 16.82
C ARG A 127 -6.14 21.13 15.52
N GLU A 128 -5.02 21.04 14.80
CA GLU A 128 -4.87 21.66 13.49
C GLU A 128 -5.52 20.87 12.34
N ILE A 129 -5.98 19.65 12.62
CA ILE A 129 -6.40 18.70 11.61
C ILE A 129 -7.91 18.50 11.63
N PRO A 130 -8.61 18.92 10.55
CA PRO A 130 -10.07 18.72 10.58
C PRO A 130 -10.46 17.22 10.51
N SER A 131 -11.38 16.82 11.36
CA SER A 131 -11.80 15.40 11.42
C SER A 131 -12.36 14.88 10.10
N ASP A 132 -13.02 15.76 9.38
CA ASP A 132 -13.66 15.39 8.12
C ASP A 132 -12.85 15.68 6.86
N ALA A 133 -11.64 16.21 7.02
CA ALA A 133 -10.79 16.60 5.90
C ALA A 133 -9.36 16.81 6.39
N PRO A 134 -8.70 15.72 6.84
CA PRO A 134 -7.32 15.90 7.40
C PRO A 134 -6.32 16.55 6.44
N TRP A 135 -6.54 16.37 5.15
CA TRP A 135 -5.72 16.99 4.06
C TRP A 135 -5.82 18.52 4.02
N LYS A 136 -6.78 19.11 4.72
CA LYS A 136 -6.89 20.56 4.86
C LYS A 136 -6.09 21.16 6.00
N ALA A 137 -5.42 20.35 6.82
CA ALA A 137 -4.53 20.89 7.85
C ALA A 137 -3.54 21.85 7.17
N PRO A 138 -3.23 22.99 7.84
CA PRO A 138 -2.26 23.92 7.25
C PRO A 138 -0.91 23.31 6.84
N LEU A 139 -0.39 22.35 7.61
CA LEU A 139 0.87 21.69 7.29
C LEU A 139 0.64 20.25 6.83
N ALA A 140 -0.45 20.00 6.13
CA ALA A 140 -0.85 18.63 5.81
C ALA A 140 0.25 17.96 5.02
N GLU A 141 0.78 18.68 4.04
CA GLU A 141 1.79 18.13 3.16
C GLU A 141 3.07 17.76 3.92
N GLU A 142 3.61 18.71 4.68
CA GLU A 142 4.79 18.46 5.50
C GLU A 142 4.60 17.27 6.45
N TRP A 143 3.44 17.21 7.09
CA TRP A 143 3.19 16.11 8.05
C TRP A 143 2.92 14.76 7.36
N ASP A 144 2.30 14.80 6.20
CA ASP A 144 2.01 13.57 5.46
C ASP A 144 3.25 12.98 4.78
N ASN A 145 4.27 13.82 4.57
CA ASN A 145 5.51 13.37 3.93
C ASN A 145 6.57 12.83 4.90
N MET A 146 6.23 12.70 6.19
CA MET A 146 7.08 12.03 7.17
C MET A 146 6.32 10.85 7.76
N THR A 147 7.08 9.85 8.18
CA THR A 147 6.54 8.74 8.95
C THR A 147 6.38 9.14 10.42
N MET A 148 5.63 8.36 11.16
CA MET A 148 5.65 8.52 12.62
C MET A 148 7.03 8.32 13.24
N LYS A 149 7.87 7.47 12.65
CA LYS A 149 9.22 7.29 13.17
C LYS A 149 10.02 8.60 13.11
N GLU A 150 9.93 9.27 11.97
CA GLU A 150 10.59 10.56 11.81
C GLU A 150 10.08 11.59 12.79
N LEU A 151 8.75 11.65 13.00
CA LEU A 151 8.21 12.61 13.97
C LEU A 151 8.67 12.32 15.42
N LEU A 152 8.66 11.05 15.83
CA LEU A 152 9.17 10.67 17.15
C LEU A 152 10.64 10.99 17.33
N ASP A 153 11.44 10.76 16.28
CA ASP A 153 12.86 11.11 16.31
C ASP A 153 13.07 12.61 16.52
N LYS A 154 12.25 13.47 15.90
CA LYS A 154 12.33 14.91 16.15
C LYS A 154 11.82 15.34 17.52
N LEU A 155 10.71 14.74 17.97
CA LEU A 155 9.99 15.18 19.17
C LEU A 155 10.58 14.71 20.49
N CYS A 156 11.01 13.46 20.53
CA CYS A 156 11.39 12.79 21.78
C CYS A 156 12.87 12.99 22.07
N TRP A 157 13.18 13.78 23.09
CA TRP A 157 14.58 14.00 23.52
C TRP A 157 15.07 12.93 24.49
N THR A 158 14.21 11.99 24.87
CA THR A 158 14.63 10.84 25.67
C THR A 158 14.21 9.54 24.99
N GLU A 159 15.01 8.50 25.23
CA GLU A 159 14.68 7.16 24.74
C GLU A 159 13.45 6.62 25.46
N SER A 160 13.29 6.95 26.75
CA SER A 160 12.11 6.58 27.52
C SER A 160 10.80 7.00 26.79
N ALA A 161 10.70 8.27 26.42
CA ALA A 161 9.52 8.76 25.69
C ALA A 161 9.39 8.11 24.30
N LYS A 162 10.51 7.99 23.58
CA LYS A 162 10.46 7.40 22.23
C LYS A 162 9.96 5.96 22.26
N GLN A 163 10.41 5.19 23.25
CA GLN A 163 9.99 3.79 23.40
C GLN A 163 8.49 3.64 23.71
N LEU A 164 8.02 4.46 24.65
CA LEU A 164 6.59 4.42 24.99
C LEU A 164 5.74 4.90 23.80
N ALA A 165 6.16 5.97 23.15
CA ALA A 165 5.49 6.49 21.93
C ALA A 165 5.42 5.45 20.82
N THR A 166 6.51 4.70 20.64
CA THR A 166 6.53 3.60 19.67
C THR A 166 5.50 2.51 19.99
N LEU A 167 5.47 2.07 21.25
CA LEU A 167 4.48 1.10 21.70
C LEU A 167 3.04 1.64 21.46
N PHE A 168 2.83 2.91 21.77
CA PHE A 168 1.53 3.59 21.53
C PHE A 168 1.07 3.48 20.07
N VAL A 169 1.98 3.75 19.13
CA VAL A 169 1.66 3.64 17.71
C VAL A 169 1.41 2.17 17.35
N ASN A 170 2.29 1.27 17.77
CA ASN A 170 2.14 -0.16 17.46
C ASN A 170 0.78 -0.69 17.95
N LEU A 171 0.40 -0.29 19.16
CA LEU A 171 -0.83 -0.78 19.80
C LEU A 171 -2.10 -0.14 19.22
N CYS A 172 -2.02 1.15 18.94
CA CYS A 172 -3.14 1.89 18.40
CA CYS A 172 -3.14 1.91 18.37
C CYS A 172 -3.52 1.51 16.97
N VAL A 173 -2.50 1.29 16.11
CA VAL A 173 -2.75 1.05 14.69
C VAL A 173 -2.08 -0.20 14.11
N THR A 174 -1.61 -1.11 14.96
CA THR A 174 -1.07 -2.43 14.54
C THR A 174 -0.08 -2.33 13.38
N ALA A 175 0.75 -1.31 13.45
CA ALA A 175 1.74 -1.01 12.42
C ALA A 175 2.97 -0.37 13.07
N GLU A 176 4.10 -0.50 12.39
CA GLU A 176 5.33 0.09 12.84
C GLU A 176 5.30 1.62 12.61
N THR A 177 6.10 2.33 13.39
CA THR A 177 6.19 3.78 13.28
C THR A 177 6.70 4.25 11.90
N HIS A 178 7.63 3.48 11.32
CA HIS A 178 8.15 3.76 9.99
C HIS A 178 7.20 3.40 8.86
N GLU A 179 6.11 2.66 9.14
CA GLU A 179 5.15 2.28 8.09
C GLU A 179 4.09 3.33 7.80
N VAL A 180 3.81 4.19 8.79
CA VAL A 180 2.62 5.04 8.74
C VAL A 180 2.93 6.53 8.65
N SER A 181 2.07 7.24 7.92
CA SER A 181 2.13 8.69 7.80
C SER A 181 1.90 9.37 9.16
N ALA A 182 2.70 10.40 9.44
CA ALA A 182 2.50 11.19 10.66
C ALA A 182 1.16 11.93 10.63
N LEU A 183 0.81 12.57 9.51
CA LEU A 183 -0.52 13.21 9.36
C LEU A 183 -1.66 12.25 9.61
N TRP A 184 -1.58 11.06 9.00
CA TRP A 184 -2.67 10.10 9.19
C TRP A 184 -2.77 9.66 10.67
N PHE A 185 -1.64 9.34 11.30
CA PHE A 185 -1.69 8.90 12.71
C PHE A 185 -2.23 10.03 13.61
N LEU A 186 -1.75 11.25 13.39
CA LEU A 186 -2.25 12.39 14.17
C LEU A 186 -3.75 12.61 14.00
N TRP A 187 -4.25 12.45 12.77
CA TRP A 187 -5.69 12.51 12.49
C TRP A 187 -6.40 11.40 13.24
N TYR A 188 -5.89 10.18 13.10
CA TYR A 188 -6.54 9.01 13.70
C TYR A 188 -6.75 9.17 15.23
N VAL A 189 -5.74 9.70 15.91
CA VAL A 189 -5.84 9.90 17.35
C VAL A 189 -6.83 11.03 17.66
N LYS A 190 -6.69 12.13 16.94
CA LYS A 190 -7.57 13.29 17.18
C LYS A 190 -9.07 12.95 16.99
N GLN A 191 -9.36 12.17 15.95
CA GLN A 191 -10.75 11.80 15.65
C GLN A 191 -11.35 10.76 16.61
N CYS A 192 -10.54 10.22 17.52
CA CYS A 192 -11.00 9.45 18.66
C CYS A 192 -11.17 10.30 19.93
N GLY A 193 -10.89 11.60 19.86
CA GLY A 193 -10.96 12.49 21.03
C GLY A 193 -9.63 12.78 21.73
N GLY A 194 -8.52 12.30 21.16
CA GLY A 194 -7.18 12.61 21.64
C GLY A 194 -6.50 11.50 22.40
N THR A 195 -5.28 11.79 22.82
CA THR A 195 -4.39 10.78 23.42
C THR A 195 -4.99 10.16 24.67
N THR A 196 -5.47 10.98 25.61
CA THR A 196 -6.02 10.41 26.85
C THR A 196 -7.21 9.48 26.61
N ARG A 197 -8.13 9.91 25.77
CA ARG A 197 -9.32 9.12 25.49
C ARG A 197 -8.97 7.80 24.81
N ILE A 198 -8.04 7.83 23.87
CA ILE A 198 -7.74 6.60 23.09
C ILE A 198 -6.97 5.56 23.91
N ILE A 199 -6.10 6.00 24.82
CA ILE A 199 -5.30 5.08 25.63
C ILE A 199 -5.98 4.57 26.90
N SER A 200 -7.09 5.19 27.30
CA SER A 200 -7.66 4.91 28.63
C SER A 200 -8.64 3.75 28.60
N THR A 201 -8.64 3.01 29.71
CA THR A 201 -9.60 1.95 29.96
C THR A 201 -10.76 2.67 30.67
N THR A 202 -10.63 2.95 31.96
CA THR A 202 -11.59 3.82 32.65
C THR A 202 -11.63 5.19 31.94
N ASN A 203 -12.84 5.66 31.59
CA ASN A 203 -13.02 6.94 30.85
C ASN A 203 -12.49 6.99 29.41
N GLY A 204 -12.23 5.84 28.79
CA GLY A 204 -11.75 5.81 27.42
C GLY A 204 -12.22 4.64 26.59
N GLY A 205 -11.53 4.44 25.47
CA GLY A 205 -11.89 3.44 24.46
C GLY A 205 -12.01 2.02 24.95
N GLN A 206 -11.24 1.64 25.98
CA GLN A 206 -11.23 0.24 26.46
C GLN A 206 -12.09 0.00 27.72
N GLU A 207 -13.04 0.90 28.01
CA GLU A 207 -13.75 0.84 29.28
C GLU A 207 -14.61 -0.43 29.45
N ARG A 208 -15.28 -0.82 28.36
CA ARG A 208 -16.32 -1.84 28.43
C ARG A 208 -16.28 -2.86 27.31
N LYS A 209 -16.92 -4.00 27.57
CA LYS A 209 -17.22 -5.01 26.59
C LYS A 209 -18.73 -5.30 26.65
N PHE A 210 -19.22 -5.94 25.59
CA PHE A 210 -20.60 -6.41 25.55
C PHE A 210 -20.73 -7.76 26.25
N VAL A 211 -21.73 -7.85 27.11
CA VAL A 211 -22.11 -9.13 27.69
C VAL A 211 -22.56 -10.05 26.55
N GLY A 212 -21.83 -11.16 26.42
CA GLY A 212 -22.12 -12.18 25.41
C GLY A 212 -21.35 -12.03 24.10
N GLY A 213 -20.55 -10.97 23.97
CA GLY A 213 -19.74 -10.75 22.74
C GLY A 213 -20.32 -9.73 21.77
N SER A 214 -19.42 -9.07 21.04
CA SER A 214 -19.79 -8.03 20.11
C SER A 214 -20.42 -8.59 18.83
N GLY A 215 -20.16 -9.85 18.51
CA GLY A 215 -20.75 -10.48 17.33
C GLY A 215 -22.27 -10.50 17.32
N GLN A 216 -22.85 -10.43 18.51
CA GLN A 216 -24.30 -10.31 18.69
C GLN A 216 -24.90 -9.10 17.99
N VAL A 217 -24.14 -8.01 17.85
CA VAL A 217 -24.65 -6.82 17.11
C VAL A 217 -25.03 -7.21 15.67
N SER A 218 -24.08 -7.80 14.95
CA SER A 218 -24.33 -8.18 13.58
C SER A 218 -25.35 -9.32 13.48
N GLU A 219 -25.27 -10.27 14.41
CA GLU A 219 -26.18 -11.43 14.44
C GLU A 219 -27.64 -11.00 14.64
N ARG A 220 -27.86 -10.09 15.59
CA ARG A 220 -29.23 -9.65 15.90
C ARG A 220 -29.82 -8.80 14.77
N ILE A 221 -28.99 -8.04 14.06
CA ILE A 221 -29.49 -7.36 12.85
C ILE A 221 -29.83 -8.38 11.76
N MET A 222 -28.99 -9.40 11.58
CA MET A 222 -29.32 -10.47 10.63
C MET A 222 -30.69 -11.10 10.98
N ASP A 223 -30.95 -11.32 12.27
CA ASP A 223 -32.25 -11.88 12.70
C ASP A 223 -33.41 -10.99 12.27
N LEU A 224 -33.28 -9.69 12.48
CA LEU A 224 -34.31 -8.72 12.04
C LEU A 224 -34.53 -8.68 10.52
N LEU A 225 -33.49 -8.92 9.73
CA LEU A 225 -33.56 -8.83 8.27
C LEU A 225 -34.00 -10.12 7.59
N GLY A 226 -34.00 -11.23 8.34
CA GLY A 226 -34.43 -12.53 7.84
C GLY A 226 -33.53 -12.99 6.71
N ASP A 227 -34.15 -13.48 5.64
CA ASP A 227 -33.38 -14.02 4.52
C ASP A 227 -32.84 -12.97 3.53
N ARG A 228 -32.98 -11.68 3.86
CA ARG A 228 -32.34 -10.62 3.10
C ARG A 228 -30.79 -10.69 3.17
N VAL A 229 -30.25 -11.31 4.23
CA VAL A 229 -28.81 -11.54 4.34
C VAL A 229 -28.42 -12.83 3.61
N LYS A 230 -27.55 -12.71 2.61
CA LYS A 230 -27.05 -13.83 1.81
C LYS A 230 -25.60 -14.16 2.19
N LEU A 231 -25.41 -15.27 2.91
CA LEU A 231 -24.08 -15.71 3.31
C LEU A 231 -23.39 -16.50 2.20
N GLU A 232 -22.06 -16.47 2.21
CA GLU A 232 -21.26 -17.11 1.17
C GLU A 232 -21.61 -16.58 -0.23
N ARG A 233 -21.78 -15.25 -0.30
CA ARG A 233 -21.93 -14.48 -1.52
C ARG A 233 -20.84 -13.41 -1.62
N PRO A 234 -19.59 -13.83 -1.90
CA PRO A 234 -18.57 -12.85 -2.23
C PRO A 234 -18.90 -12.15 -3.55
N VAL A 235 -18.91 -10.82 -3.53
CA VAL A 235 -19.14 -10.03 -4.73
C VAL A 235 -17.86 -9.99 -5.58
N ILE A 236 -18.04 -10.27 -6.87
CA ILE A 236 -16.94 -10.28 -7.85
C ILE A 236 -17.03 -9.21 -8.94
N TYR A 237 -18.20 -8.57 -9.10
CA TYR A 237 -18.47 -7.75 -10.28
C TYR A 237 -19.60 -6.78 -10.04
N ILE A 238 -19.36 -5.51 -10.35
CA ILE A 238 -20.38 -4.46 -10.28
C ILE A 238 -20.41 -3.72 -11.62
N ASP A 239 -21.60 -3.67 -12.20
CA ASP A 239 -21.81 -3.08 -13.53
C ASP A 239 -22.83 -1.95 -13.41
N GLN A 240 -22.37 -0.73 -13.68
CA GLN A 240 -23.21 0.46 -13.64
C GLN A 240 -23.48 1.03 -15.04
N THR A 241 -23.33 0.24 -16.10
CA THR A 241 -23.52 0.75 -17.47
C THR A 241 -25.00 0.90 -17.86
N ARG A 242 -25.89 0.24 -17.14
CA ARG A 242 -27.34 0.25 -17.42
C ARG A 242 -28.14 1.01 -16.35
N GLU A 243 -29.46 1.06 -16.55
CA GLU A 243 -30.37 1.83 -15.68
C GLU A 243 -30.32 1.40 -14.22
N ASN A 244 -30.33 0.09 -14.01
CA ASN A 244 -30.18 -0.52 -12.67
C ASN A 244 -28.77 -1.07 -12.54
N VAL A 245 -28.22 -0.98 -11.34
CA VAL A 245 -26.88 -1.52 -11.03
C VAL A 245 -26.99 -3.04 -10.95
N LEU A 246 -26.05 -3.73 -11.61
CA LEU A 246 -25.98 -5.18 -11.54
C LEU A 246 -24.81 -5.57 -10.64
N VAL A 247 -25.07 -6.45 -9.67
CA VAL A 247 -24.04 -6.97 -8.75
C VAL A 247 -23.99 -8.48 -8.85
N GLU A 248 -22.82 -9.03 -9.19
CA GLU A 248 -22.67 -10.49 -9.33
C GLU A 248 -21.80 -11.08 -8.22
N THR A 249 -22.15 -12.30 -7.81
CA THR A 249 -21.40 -13.01 -6.77
C THR A 249 -20.63 -14.17 -7.35
N LEU A 250 -19.69 -14.68 -6.56
CA LEU A 250 -18.80 -15.77 -6.94
C LEU A 250 -19.55 -17.05 -7.25
N ASN A 251 -20.58 -17.33 -6.46
CA ASN A 251 -21.46 -18.50 -6.64
C ASN A 251 -22.49 -18.32 -7.75
N HIS A 252 -22.29 -17.33 -8.62
CA HIS A 252 -23.05 -17.16 -9.85
C HIS A 252 -24.50 -16.70 -9.67
N GLU A 253 -24.73 -15.75 -8.76
CA GLU A 253 -26.04 -15.13 -8.62
C GLU A 253 -25.93 -13.69 -9.08
N MET A 254 -27.02 -13.15 -9.61
CA MET A 254 -27.06 -11.75 -10.03
C MET A 254 -28.07 -11.00 -9.20
N TYR A 255 -27.69 -9.80 -8.75
CA TYR A 255 -28.57 -8.93 -8.00
C TYR A 255 -28.67 -7.62 -8.74
N GLU A 256 -29.89 -7.07 -8.77
CA GLU A 256 -30.15 -5.82 -9.47
C GLU A 256 -30.73 -4.79 -8.49
N ALA A 257 -30.17 -3.58 -8.49
CA ALA A 257 -30.57 -2.57 -7.54
C ALA A 257 -30.50 -1.16 -8.08
N LYS A 258 -31.11 -0.22 -7.35
CA LYS A 258 -31.01 1.19 -7.66
C LYS A 258 -29.65 1.76 -7.22
N TYR A 259 -29.17 1.31 -6.06
CA TYR A 259 -27.91 1.80 -5.47
C TYR A 259 -27.18 0.67 -4.75
N VAL A 260 -25.87 0.87 -4.58
CA VAL A 260 -25.04 -0.05 -3.81
C VAL A 260 -24.30 0.69 -2.68
N ILE A 261 -24.21 0.05 -1.51
CA ILE A 261 -23.30 0.47 -0.45
C ILE A 261 -22.13 -0.54 -0.39
N SER A 262 -20.92 -0.04 -0.58
CA SER A 262 -19.71 -0.85 -0.38
C SER A 262 -19.33 -0.68 1.10
N ALA A 263 -19.56 -1.72 1.91
CA ALA A 263 -19.24 -1.70 3.35
C ALA A 263 -18.08 -2.65 3.72
N ILE A 264 -17.05 -2.67 2.86
CA ILE A 264 -15.89 -3.54 2.99
C ILE A 264 -14.64 -2.66 3.16
N PRO A 265 -13.55 -3.20 3.75
CA PRO A 265 -12.34 -2.38 3.84
C PRO A 265 -11.95 -1.83 2.47
N PRO A 266 -11.45 -0.58 2.41
CA PRO A 266 -11.20 0.04 1.11
C PRO A 266 -10.39 -0.82 0.13
N THR A 267 -9.24 -1.36 0.55
CA THR A 267 -8.43 -2.20 -0.36
C THR A 267 -9.17 -3.44 -0.86
N LEU A 268 -10.12 -3.96 -0.09
CA LEU A 268 -10.86 -5.16 -0.54
C LEU A 268 -11.80 -4.87 -1.72
N GLY A 269 -12.04 -3.60 -2.02
CA GLY A 269 -12.61 -3.18 -3.31
C GLY A 269 -11.88 -3.76 -4.53
N MET A 270 -10.59 -4.07 -4.36
CA MET A 270 -9.78 -4.71 -5.39
C MET A 270 -10.32 -6.08 -5.81
N LYS A 271 -11.06 -6.75 -4.94
CA LYS A 271 -11.59 -8.08 -5.26
C LYS A 271 -12.80 -7.99 -6.21
N ILE A 272 -13.27 -6.78 -6.52
CA ILE A 272 -14.40 -6.55 -7.42
C ILE A 272 -13.89 -5.98 -8.73
N HIS A 273 -14.41 -6.54 -9.83
CA HIS A 273 -14.13 -6.07 -11.17
C HIS A 273 -15.23 -5.05 -11.52
N PHE A 274 -14.84 -3.86 -11.95
CA PHE A 274 -15.80 -2.75 -12.14
C PHE A 274 -16.03 -2.43 -13.63
N ASN A 275 -17.30 -2.25 -13.99
CA ASN A 275 -17.68 -1.80 -15.33
C ASN A 275 -18.65 -0.62 -15.16
N PRO A 276 -18.34 0.57 -15.72
CA PRO A 276 -17.05 0.92 -16.29
C PRO A 276 -15.95 0.91 -15.22
N PRO A 277 -14.69 1.04 -15.65
CA PRO A 277 -13.62 1.05 -14.64
C PRO A 277 -13.79 2.18 -13.63
N LEU A 278 -13.24 2.01 -12.42
CA LEU A 278 -13.27 3.09 -11.43
C LEU A 278 -12.54 4.33 -11.98
N PRO A 279 -12.97 5.54 -11.57
CA PRO A 279 -12.12 6.69 -11.86
C PRO A 279 -10.69 6.54 -11.33
N MET A 280 -9.73 7.19 -12.00
CA MET A 280 -8.31 7.08 -11.67
C MET A 280 -7.98 7.14 -10.19
N MET A 281 -8.51 8.15 -9.50
CA MET A 281 -8.04 8.37 -8.12
C MET A 281 -8.47 7.19 -7.22
N ARG A 282 -9.71 6.70 -7.35
CA ARG A 282 -10.10 5.51 -6.58
C ARG A 282 -9.35 4.25 -7.02
N ASN A 283 -9.18 4.08 -8.33
CA ASN A 283 -8.46 2.91 -8.89
C ASN A 283 -7.08 2.73 -8.21
N GLN A 284 -6.33 3.82 -8.09
CA GLN A 284 -5.04 3.80 -7.42
C GLN A 284 -5.14 3.80 -5.90
N MET A 285 -6.10 4.53 -5.33
CA MET A 285 -6.24 4.59 -3.85
C MET A 285 -6.33 3.21 -3.22
N ILE A 286 -7.12 2.33 -3.83
CA ILE A 286 -7.42 1.03 -3.25
C ILE A 286 -6.24 0.04 -3.28
N THR A 287 -5.12 0.44 -3.91
CA THR A 287 -3.87 -0.31 -3.92
C THR A 287 -2.83 0.26 -2.92
N ARG A 288 -3.19 1.33 -2.21
CA ARG A 288 -2.27 2.11 -1.41
C ARG A 288 -2.61 2.14 0.09
N VAL A 289 -3.57 1.31 0.50
CA VAL A 289 -4.21 1.42 1.83
C VAL A 289 -4.29 0.03 2.51
N PRO A 290 -3.15 -0.47 2.99
CA PRO A 290 -3.10 -1.77 3.71
C PRO A 290 -3.77 -1.76 5.07
N LEU A 291 -4.12 -2.95 5.56
CA LEU A 291 -4.54 -3.08 6.96
C LEU A 291 -3.36 -3.57 7.81
N GLY A 292 -3.42 -3.24 9.10
CA GLY A 292 -2.42 -3.66 10.07
C GLY A 292 -2.41 -5.14 10.38
N SER A 293 -1.49 -5.52 11.26
CA SER A 293 -1.20 -6.92 11.56
C SER A 293 -1.28 -7.19 13.07
N VAL A 294 -2.09 -8.17 13.46
CA VAL A 294 -2.26 -8.47 14.86
C VAL A 294 -2.73 -9.93 15.05
N ILE A 295 -2.23 -10.57 16.11
CA ILE A 295 -2.80 -11.84 16.60
C ILE A 295 -3.41 -11.52 17.96
N LYS A 296 -4.71 -11.81 18.13
CA LYS A 296 -5.36 -11.61 19.41
C LYS A 296 -5.34 -12.95 20.14
N CYS A 297 -4.80 -12.97 21.36
CA CYS A 297 -4.54 -14.21 22.10
C CYS A 297 -5.16 -14.15 23.49
N ILE A 298 -5.91 -15.19 23.87
CA ILE A 298 -6.56 -15.23 25.20
C ILE A 298 -6.12 -16.52 25.95
N VAL A 299 -5.43 -16.33 27.07
CA VAL A 299 -4.93 -17.41 27.92
C VAL A 299 -5.84 -17.49 29.14
N TYR A 300 -6.43 -18.68 29.35
CA TYR A 300 -7.35 -18.93 30.46
C TYR A 300 -6.64 -19.56 31.66
N TYR A 301 -7.11 -19.17 32.84
CA TYR A 301 -6.62 -19.67 34.12
C TYR A 301 -7.76 -20.09 35.05
N LYS A 302 -7.41 -20.86 36.06
CA LYS A 302 -8.37 -21.33 37.07
C LYS A 302 -8.98 -20.17 37.85
N GLU A 303 -8.17 -19.15 38.17
CA GLU A 303 -8.63 -17.98 38.91
C GLU A 303 -7.90 -16.74 38.40
N PRO A 304 -8.47 -15.55 38.63
CA PRO A 304 -7.79 -14.31 38.26
C PRO A 304 -6.75 -13.95 39.34
N PHE A 305 -5.69 -14.75 39.36
CA PHE A 305 -4.70 -14.75 40.45
C PHE A 305 -3.96 -13.43 40.61
N TRP A 306 -3.87 -12.68 39.52
CA TRP A 306 -3.19 -11.38 39.51
C TRP A 306 -3.84 -10.35 40.43
N ARG A 307 -5.17 -10.44 40.55
CA ARG A 307 -5.93 -9.56 41.43
C ARG A 307 -5.50 -9.70 42.91
N LYS A 308 -5.11 -10.91 43.32
CA LYS A 308 -4.64 -11.17 44.69
C LYS A 308 -3.30 -10.49 45.01
N LYS A 309 -2.49 -10.20 43.98
CA LYS A 309 -1.31 -9.34 44.10
C LYS A 309 -1.54 -7.84 43.86
N ASP A 310 -2.80 -7.44 43.79
CA ASP A 310 -3.21 -6.06 43.53
C ASP A 310 -2.78 -5.56 42.13
N TYR A 311 -2.92 -6.45 41.15
CA TYR A 311 -2.73 -6.15 39.73
C TYR A 311 -4.05 -6.35 39.01
N CYS A 312 -4.49 -5.40 38.18
CA CYS A 312 -5.81 -5.54 37.54
C CYS A 312 -5.75 -6.50 36.35
N GLY A 313 -4.56 -6.73 35.79
CA GLY A 313 -4.36 -7.59 34.60
C GLY A 313 -3.83 -6.82 33.37
N THR A 314 -3.79 -5.49 33.48
CA THR A 314 -3.25 -4.63 32.45
C THR A 314 -1.73 -4.63 32.54
N MET A 315 -1.07 -4.97 31.43
CA MET A 315 0.38 -4.94 31.32
C MET A 315 0.73 -4.19 30.04
N ILE A 316 1.63 -3.21 30.17
CA ILE A 316 2.16 -2.42 29.09
C ILE A 316 3.64 -2.81 29.03
N ILE A 317 4.01 -3.57 28.00
CA ILE A 317 5.24 -4.35 28.01
C ILE A 317 6.12 -3.90 26.85
N ASP A 318 7.17 -3.18 27.19
CA ASP A 318 8.12 -2.71 26.22
C ASP A 318 9.27 -3.71 26.09
N GLY A 319 9.80 -3.84 24.88
CA GLY A 319 10.99 -4.68 24.63
C GLY A 319 10.74 -5.63 23.47
N GLU A 320 11.76 -5.80 22.63
CA GLU A 320 11.67 -6.65 21.45
C GLU A 320 11.40 -8.12 21.74
N GLU A 321 11.89 -8.62 22.87
CA GLU A 321 11.76 -10.05 23.21
C GLU A 321 10.33 -10.40 23.61
N ALA A 322 9.58 -9.43 24.16
CA ALA A 322 8.23 -9.72 24.58
C ALA A 322 7.35 -9.97 23.33
N PRO A 323 6.73 -11.16 23.22
CA PRO A 323 5.79 -11.33 22.11
C PRO A 323 4.58 -10.40 22.13
N VAL A 324 4.10 -10.06 23.34
CA VAL A 324 2.89 -9.26 23.54
C VAL A 324 3.29 -7.98 24.21
N ALA A 325 2.82 -6.85 23.67
CA ALA A 325 3.13 -5.55 24.25
C ALA A 325 2.02 -5.01 25.13
N TYR A 326 0.82 -5.58 25.07
CA TYR A 326 -0.32 -5.07 25.85
C TYR A 326 -1.31 -6.15 26.21
N THR A 327 -1.74 -6.14 27.47
CA THR A 327 -2.74 -7.08 27.95
C THR A 327 -3.84 -6.37 28.71
N LEU A 328 -5.01 -7.02 28.75
CA LEU A 328 -6.11 -6.61 29.64
C LEU A 328 -6.71 -7.87 30.26
N ASP A 329 -7.23 -7.72 31.46
CA ASP A 329 -8.04 -8.76 32.11
C ASP A 329 -9.28 -9.05 31.24
N ASP A 330 -9.49 -10.32 30.85
CA ASP A 330 -10.65 -10.74 30.04
C ASP A 330 -11.61 -11.69 30.79
N THR A 331 -11.48 -11.72 32.12
CA THR A 331 -12.38 -12.46 33.01
C THR A 331 -13.84 -12.01 32.81
N LYS A 332 -14.77 -12.97 32.89
CA LYS A 332 -16.20 -12.67 32.73
C LYS A 332 -16.65 -11.75 33.88
N PRO A 333 -17.74 -11.00 33.69
CA PRO A 333 -18.18 -10.09 34.77
C PRO A 333 -18.57 -10.82 36.06
N GLU A 334 -18.98 -12.08 35.93
CA GLU A 334 -19.35 -12.94 37.06
C GLU A 334 -18.12 -13.38 37.87
N GLY A 335 -16.93 -13.28 37.27
CA GLY A 335 -15.66 -13.54 37.95
C GLY A 335 -15.10 -14.89 37.60
N ASN A 336 -15.78 -15.62 36.72
CA ASN A 336 -15.31 -16.93 36.24
C ASN A 336 -14.70 -16.81 34.83
N TYR A 337 -14.19 -17.93 34.33
CA TYR A 337 -13.45 -18.03 33.08
C TYR A 337 -12.34 -16.99 33.12
N ALA A 338 -11.58 -16.99 34.22
CA ALA A 338 -10.42 -16.10 34.36
C ALA A 338 -9.51 -16.15 33.12
N ALA A 339 -9.10 -14.99 32.64
CA ALA A 339 -8.35 -14.91 31.40
C ALA A 339 -7.56 -13.62 31.26
N ILE A 340 -6.47 -13.72 30.51
CA ILE A 340 -5.68 -12.56 30.09
CA ILE A 340 -5.68 -12.56 30.10
C ILE A 340 -5.74 -12.49 28.56
N MET A 341 -6.19 -11.34 28.05
CA MET A 341 -6.17 -11.01 26.62
C MET A 341 -4.89 -10.29 26.32
N GLY A 342 -4.19 -10.70 25.26
CA GLY A 342 -2.97 -10.00 24.81
C GLY A 342 -2.93 -9.84 23.30
N PHE A 343 -2.29 -8.76 22.83
CA PHE A 343 -2.07 -8.54 21.41
C PHE A 343 -0.60 -8.78 21.05
N ILE A 344 -0.40 -9.57 19.98
CA ILE A 344 0.90 -9.67 19.29
C ILE A 344 0.86 -8.73 18.09
N LEU A 345 1.70 -7.69 18.12
CA LEU A 345 1.54 -6.51 17.22
C LEU A 345 2.54 -6.37 16.07
N ALA A 346 2.03 -5.96 14.90
CA ALA A 346 2.84 -5.45 13.77
C ALA A 346 3.91 -6.47 13.35
N HIS A 347 5.20 -6.15 13.33
CA HIS A 347 6.20 -7.16 12.90
C HIS A 347 6.16 -8.49 13.69
N LYS A 348 5.82 -8.43 14.98
CA LYS A 348 5.81 -9.65 15.81
C LYS A 348 4.70 -10.62 15.40
N ALA A 349 3.59 -10.09 14.86
CA ALA A 349 2.54 -10.93 14.30
C ALA A 349 3.10 -11.70 13.11
N ARG A 350 3.90 -11.03 12.27
CA ARG A 350 4.52 -11.71 11.12
C ARG A 350 5.53 -12.73 11.61
N LYS A 351 6.43 -12.30 12.50
CA LYS A 351 7.50 -13.17 13.04
C LYS A 351 6.97 -14.42 13.76
N LEU A 352 6.06 -14.23 14.71
CA LEU A 352 5.56 -15.34 15.56
C LEU A 352 4.48 -16.22 14.92
N ALA A 353 3.95 -15.81 13.77
CA ALA A 353 3.01 -16.65 13.03
C ALA A 353 3.61 -17.99 12.59
N ARG A 354 4.93 -18.03 12.41
CA ARG A 354 5.67 -19.28 12.07
C ARG A 354 5.59 -20.39 13.13
N LEU A 355 5.33 -20.01 14.38
CA LEU A 355 5.27 -20.98 15.47
C LEU A 355 3.94 -21.73 15.46
N THR A 356 3.88 -22.83 16.21
CA THR A 356 2.59 -23.48 16.46
C THR A 356 1.81 -22.70 17.53
N LYS A 357 0.52 -23.02 17.62
CA LYS A 357 -0.35 -22.49 18.67
C LYS A 357 0.20 -22.80 20.06
N GLU A 358 0.70 -24.02 20.25
CA GLU A 358 1.23 -24.47 21.53
C GLU A 358 2.50 -23.71 21.88
N GLU A 359 3.35 -23.48 20.88
CA GLU A 359 4.55 -22.68 21.09
C GLU A 359 4.25 -21.22 21.46
N ARG A 360 3.27 -20.61 20.79
CA ARG A 360 2.82 -19.25 21.15
C ARG A 360 2.25 -19.23 22.59
N LEU A 361 1.45 -20.23 22.97
CA LEU A 361 0.92 -20.28 24.36
C LEU A 361 2.07 -20.29 25.39
N LYS A 362 3.12 -21.05 25.09
CA LYS A 362 4.25 -21.20 26.01
C LYS A 362 4.99 -19.88 26.17
N LYS A 363 5.31 -19.23 25.05
CA LYS A 363 5.97 -17.91 25.09
C LYS A 363 5.15 -16.88 25.88
N LEU A 364 3.82 -16.88 25.70
CA LEU A 364 2.97 -15.92 26.41
C LEU A 364 2.95 -16.19 27.91
N CYS A 365 2.77 -17.45 28.31
CA CYS A 365 2.79 -17.81 29.73
C CYS A 365 4.10 -17.44 30.42
N GLU A 366 5.22 -17.68 29.75
CA GLU A 366 6.52 -17.34 30.30
C GLU A 366 6.71 -15.84 30.48
N LEU A 367 6.20 -15.06 29.52
CA LEU A 367 6.21 -13.60 29.62
C LEU A 367 5.38 -13.12 30.79
N TYR A 368 4.13 -13.59 30.85
CA TYR A 368 3.19 -13.19 31.89
C TYR A 368 3.72 -13.57 33.27
N ALA A 369 4.33 -14.74 33.41
CA ALA A 369 4.97 -15.16 34.66
C ALA A 369 6.02 -14.16 35.13
N LYS A 370 6.88 -13.73 34.22
CA LYS A 370 7.89 -12.73 34.59
C LYS A 370 7.26 -11.37 34.94
N VAL A 371 6.37 -10.90 34.09
CA VAL A 371 5.80 -9.56 34.27
C VAL A 371 4.99 -9.48 35.57
N LEU A 372 4.22 -10.52 35.83
CA LEU A 372 3.36 -10.60 37.04
C LEU A 372 4.10 -11.13 38.28
N GLY A 373 5.35 -11.58 38.10
CA GLY A 373 6.12 -12.21 39.18
C GLY A 373 5.37 -13.39 39.79
N SER A 374 4.76 -14.17 38.92
CA SER A 374 3.79 -15.20 39.33
C SER A 374 3.98 -16.51 38.58
N LEU A 375 4.48 -17.54 39.29
CA LEU A 375 4.53 -18.91 38.76
C LEU A 375 3.15 -19.47 38.32
N GLU A 376 2.07 -18.95 38.89
CA GLU A 376 0.71 -19.39 38.48
C GLU A 376 0.42 -19.17 36.99
N ALA A 377 1.09 -18.17 36.37
CA ALA A 377 0.87 -17.84 34.96
C ALA A 377 1.36 -18.94 34.02
N LEU A 378 2.18 -19.86 34.55
CA LEU A 378 2.63 -21.03 33.79
C LEU A 378 1.65 -22.19 33.83
N GLU A 379 0.47 -22.02 34.46
CA GLU A 379 -0.58 -23.08 34.51
C GLU A 379 -1.90 -22.73 33.84
N PRO A 380 -1.84 -22.44 32.51
CA PRO A 380 -3.06 -22.17 31.77
C PRO A 380 -4.00 -23.38 31.73
N VAL A 381 -5.30 -23.13 31.72
CA VAL A 381 -6.31 -24.22 31.59
C VAL A 381 -6.88 -24.31 30.16
N HIS A 382 -6.67 -23.27 29.35
CA HIS A 382 -7.21 -23.20 28.00
C HIS A 382 -6.57 -22.00 27.27
N TYR A 383 -6.61 -22.03 25.94
CA TYR A 383 -6.07 -20.99 25.05
C TYR A 383 -6.94 -20.83 23.79
N GLU A 384 -7.20 -19.59 23.38
CA GLU A 384 -7.79 -19.27 22.08
C GLU A 384 -6.99 -18.15 21.46
N GLU A 385 -6.91 -18.14 20.13
CA GLU A 385 -6.23 -17.07 19.40
C GLU A 385 -6.81 -16.88 18.00
N LYS A 386 -6.55 -15.70 17.43
CA LYS A 386 -6.86 -15.45 16.03
C LYS A 386 -5.84 -14.51 15.41
N ASN A 387 -5.18 -15.02 14.36
CA ASN A 387 -4.29 -14.22 13.51
C ASN A 387 -5.11 -13.59 12.38
N TRP A 388 -5.43 -12.31 12.52
CA TRP A 388 -6.22 -11.60 11.49
C TRP A 388 -5.50 -11.35 10.15
N CYS A 389 -4.18 -11.48 10.12
CA CYS A 389 -3.40 -11.35 8.87
C CYS A 389 -3.76 -12.42 7.82
N GLU A 390 -4.33 -13.54 8.23
CA GLU A 390 -4.65 -14.64 7.31
C GLU A 390 -6.03 -14.56 6.63
N GLU A 391 -6.84 -13.57 7.01
CA GLU A 391 -8.19 -13.41 6.52
C GLU A 391 -8.29 -12.73 5.14
N GLN A 392 -8.65 -13.54 4.13
CA GLN A 392 -8.92 -13.06 2.77
C GLN A 392 -9.95 -11.91 2.72
N TYR A 393 -11.00 -12.00 3.54
CA TYR A 393 -12.06 -11.01 3.52
C TYR A 393 -11.99 -9.96 4.62
N SER A 394 -10.84 -9.86 5.30
CA SER A 394 -10.53 -8.67 6.11
C SER A 394 -9.26 -7.94 5.62
N GLY A 395 -8.19 -8.70 5.37
CA GLY A 395 -6.88 -8.14 4.97
C GLY A 395 -5.97 -7.85 6.16
N GLY A 396 -6.51 -7.88 7.38
CA GLY A 396 -5.79 -7.52 8.59
C GLY A 396 -6.73 -6.95 9.67
N CYS A 397 -6.14 -6.35 10.69
CA CYS A 397 -6.87 -5.71 11.81
C CYS A 397 -5.90 -4.77 12.53
N TYR A 398 -6.39 -3.78 13.29
CA TYR A 398 -7.83 -3.49 13.47
C TYR A 398 -8.40 -2.84 12.24
N THR A 399 -7.57 -2.06 11.54
CA THR A 399 -8.05 -1.19 10.50
C THR A 399 -6.99 -0.85 9.47
N THR A 400 -7.39 0.00 8.54
CA THR A 400 -6.56 0.46 7.44
C THR A 400 -5.63 1.57 7.89
N TYR A 401 -4.35 1.45 7.55
CA TYR A 401 -3.39 2.55 7.79
C TYR A 401 -2.96 3.18 6.46
N PHE A 402 -2.51 4.42 6.53
CA PHE A 402 -2.07 5.18 5.37
C PHE A 402 -0.54 5.41 5.44
N PRO A 403 0.23 4.84 4.50
CA PRO A 403 1.67 5.14 4.45
C PRO A 403 1.94 6.62 4.05
N PRO A 404 3.20 7.08 4.20
CA PRO A 404 3.49 8.49 3.93
C PRO A 404 3.05 8.89 2.52
N GLY A 405 2.43 10.05 2.42
CA GLY A 405 2.07 10.65 1.13
C GLY A 405 0.70 10.33 0.54
N ILE A 406 -0.01 9.36 1.13
CA ILE A 406 -1.22 8.84 0.53
C ILE A 406 -2.48 9.62 0.93
N LEU A 407 -2.59 10.00 2.20
CA LEU A 407 -3.79 10.67 2.71
C LEU A 407 -3.98 12.04 2.04
N THR A 408 -2.91 12.78 1.79
CA THR A 408 -3.07 14.07 1.08
C THR A 408 -3.37 13.92 -0.42
N GLN A 409 -2.87 12.87 -1.06
CA GLN A 409 -3.07 12.69 -2.48
C GLN A 409 -4.39 11.99 -2.83
N TYR A 410 -4.82 11.06 -1.97
CA TYR A 410 -5.96 10.18 -2.26
C TYR A 410 -7.08 10.23 -1.22
N GLY A 411 -6.85 10.90 -0.10
CA GLY A 411 -7.82 10.88 1.01
C GLY A 411 -9.20 11.39 0.63
N ARG A 412 -9.25 12.42 -0.21
CA ARG A 412 -10.55 13.01 -0.57
C ARG A 412 -11.49 12.04 -1.30
N VAL A 413 -10.99 10.96 -1.92
CA VAL A 413 -11.92 10.04 -2.61
C VAL A 413 -12.42 8.88 -1.77
N LEU A 414 -11.95 8.75 -0.52
CA LEU A 414 -12.29 7.59 0.32
C LEU A 414 -13.82 7.34 0.42
N ARG A 415 -14.61 8.40 0.67
CA ARG A 415 -16.08 8.26 0.73
C ARG A 415 -16.84 9.03 -0.37
N GLN A 416 -16.12 9.38 -1.43
CA GLN A 416 -16.75 10.01 -2.60
C GLN A 416 -17.53 8.95 -3.40
N PRO A 417 -18.86 9.17 -3.58
CA PRO A 417 -19.65 8.25 -4.42
C PRO A 417 -19.11 8.08 -5.84
N VAL A 418 -19.21 6.85 -6.33
CA VAL A 418 -18.88 6.52 -7.69
C VAL A 418 -20.18 6.14 -8.38
N ASP A 419 -20.75 7.14 -9.06
CA ASP A 419 -22.05 7.05 -9.72
C ASP A 419 -23.10 6.67 -8.68
N ARG A 420 -23.52 5.40 -8.64
CA ARG A 420 -24.55 4.94 -7.70
C ARG A 420 -24.00 4.01 -6.58
N ILE A 421 -22.67 3.91 -6.50
CA ILE A 421 -22.00 3.26 -5.37
C ILE A 421 -21.65 4.29 -4.28
N TYR A 422 -22.11 4.01 -3.05
CA TYR A 422 -21.80 4.82 -1.87
C TYR A 422 -20.91 4.01 -0.92
N PHE A 423 -20.10 4.69 -0.11
CA PHE A 423 -19.08 4.03 0.69
C PHE A 423 -19.28 4.11 2.20
N ALA A 424 -19.50 2.95 2.79
CA ALA A 424 -19.57 2.80 4.23
C ALA A 424 -18.23 2.22 4.72
N GLY A 425 -18.25 1.51 5.85
CA GLY A 425 -17.08 0.89 6.46
C GLY A 425 -16.45 1.86 7.43
N THR A 426 -15.86 1.33 8.50
CA THR A 426 -15.34 2.18 9.57
C THR A 426 -14.26 3.16 9.06
N GLU A 427 -13.52 2.75 8.04
CA GLU A 427 -12.49 3.60 7.43
C GLU A 427 -12.97 4.96 6.94
N THR A 428 -14.28 5.08 6.61
CA THR A 428 -14.88 6.31 6.09
C THR A 428 -15.53 7.19 7.17
N ALA A 429 -15.44 6.77 8.43
CA ALA A 429 -15.95 7.56 9.54
C ALA A 429 -15.10 8.76 9.89
N THR A 430 -15.73 9.72 10.56
CA THR A 430 -15.07 10.93 11.04
C THR A 430 -14.93 10.98 12.59
N HIS A 431 -15.52 10.04 13.30
CA HIS A 431 -15.41 9.95 14.77
C HIS A 431 -15.27 8.46 15.13
N TRP A 432 -14.13 8.08 15.73
CA TRP A 432 -13.78 6.69 15.97
C TRP A 432 -13.76 5.79 14.70
N SER A 433 -13.29 6.37 13.60
CA SER A 433 -12.82 5.55 12.47
C SER A 433 -11.79 4.55 12.98
N GLY A 434 -11.88 3.32 12.46
CA GLY A 434 -11.14 2.16 12.95
C GLY A 434 -11.87 1.25 13.93
N TYR A 435 -12.96 1.74 14.50
CA TYR A 435 -13.68 1.08 15.60
C TYR A 435 -15.11 0.69 15.20
N MET A 436 -15.73 -0.08 16.05
CA MET A 436 -17.14 -0.44 15.90
C MET A 436 -18.01 0.82 15.81
N GLU A 437 -17.70 1.84 16.62
CA GLU A 437 -18.40 3.11 16.55
C GLU A 437 -18.37 3.71 15.15
N GLY A 438 -17.19 3.81 14.58
CA GLY A 438 -17.02 4.32 13.24
C GLY A 438 -17.77 3.51 12.19
N ALA A 439 -17.84 2.20 12.39
CA ALA A 439 -18.63 1.38 11.48
C ALA A 439 -20.09 1.80 11.45
N VAL A 440 -20.64 2.13 12.62
CA VAL A 440 -22.05 2.54 12.71
C VAL A 440 -22.23 3.92 12.06
N GLU A 441 -21.36 4.84 12.41
CA GLU A 441 -21.41 6.17 11.81
C GLU A 441 -21.42 6.13 10.28
N ALA A 442 -20.47 5.37 9.71
CA ALA A 442 -20.32 5.29 8.26
C ALA A 442 -21.46 4.55 7.53
N GLY A 443 -21.95 3.47 8.14
CA GLY A 443 -23.07 2.73 7.60
C GLY A 443 -24.33 3.58 7.52
N GLU A 444 -24.65 4.23 8.63
CA GLU A 444 -25.83 5.11 8.71
C GLU A 444 -25.71 6.34 7.84
N ARG A 445 -24.53 6.94 7.79
CA ARG A 445 -24.29 8.06 6.88
C ARG A 445 -24.44 7.65 5.40
N ALA A 446 -23.87 6.50 5.01
CA ALA A 446 -24.01 5.99 3.64
C ALA A 446 -25.49 5.75 3.26
N ALA A 447 -26.23 5.11 4.17
CA ALA A 447 -27.65 4.87 3.96
C ALA A 447 -28.41 6.16 3.73
N ARG A 448 -28.13 7.18 4.54
CA ARG A 448 -28.80 8.47 4.41
C ARG A 448 -28.35 9.25 3.15
N GLU A 449 -27.13 9.04 2.67
CA GLU A 449 -26.77 9.58 1.35
C GLU A 449 -27.70 9.05 0.24
N ILE A 450 -28.02 7.76 0.32
CA ILE A 450 -28.93 7.12 -0.62
C ILE A 450 -30.37 7.66 -0.41
N LEU A 451 -30.82 7.77 0.83
CA LEU A 451 -32.15 8.37 1.11
C LEU A 451 -32.26 9.79 0.54
N HIS A 452 -31.19 10.57 0.64
CA HIS A 452 -31.16 11.90 0.03
C HIS A 452 -31.17 11.82 -1.49
N ALA A 453 -30.39 10.93 -2.09
CA ALA A 453 -30.40 10.73 -3.54
C ALA A 453 -31.80 10.35 -4.05
N MET A 454 -32.56 9.62 -3.24
CA MET A 454 -33.92 9.23 -3.60
C MET A 454 -35.00 10.29 -3.34
N GLY A 455 -34.58 11.46 -2.84
CA GLY A 455 -35.50 12.54 -2.50
C GLY A 455 -36.30 12.34 -1.23
N LYS A 456 -35.92 11.38 -0.38
CA LYS A 456 -36.68 11.03 0.82
C LYS A 456 -36.32 11.83 2.06
N ILE A 457 -35.13 12.42 2.10
CA ILE A 457 -34.71 13.29 3.19
C ILE A 457 -33.94 14.48 2.61
N PRO A 458 -33.96 15.62 3.31
CA PRO A 458 -33.14 16.76 2.88
C PRO A 458 -31.63 16.57 3.13
N GLU A 459 -30.81 17.38 2.46
CA GLU A 459 -29.36 17.26 2.55
C GLU A 459 -28.79 17.36 3.99
N ASP A 460 -29.38 18.24 4.80
CA ASP A 460 -28.93 18.45 6.18
C ASP A 460 -29.22 17.28 7.12
N GLU A 461 -29.90 16.24 6.66
CA GLU A 461 -30.08 15.04 7.45
C GLU A 461 -29.12 13.90 7.06
N ILE A 462 -28.20 14.14 6.13
CA ILE A 462 -27.23 13.10 5.74
C ILE A 462 -26.32 12.80 6.95
N TRP A 463 -25.72 13.84 7.52
CA TRP A 463 -24.88 13.74 8.74
C TRP A 463 -25.72 14.12 9.94
N GLN A 464 -25.76 13.25 10.95
CA GLN A 464 -26.71 13.36 12.05
C GLN A 464 -25.96 13.17 13.36
N SER A 465 -26.05 14.16 14.25
CA SER A 465 -25.45 14.04 15.58
C SER A 465 -26.11 12.92 16.40
N GLU A 466 -25.44 12.48 17.47
CA GLU A 466 -25.91 11.36 18.30
C GLU A 466 -26.02 11.83 19.74
N PRO A 467 -27.17 11.61 20.40
CA PRO A 467 -27.27 11.90 21.82
C PRO A 467 -26.31 11.06 22.66
N GLU A 468 -25.77 11.68 23.71
CA GLU A 468 -24.85 11.01 24.63
C GLU A 468 -25.61 9.88 25.34
N SER A 469 -24.97 8.72 25.41
CA SER A 469 -25.47 7.60 26.20
C SER A 469 -25.74 8.00 27.66
N VAL A 470 -26.90 7.60 28.17
CA VAL A 470 -27.22 7.75 29.59
C VAL A 470 -26.55 6.69 30.44
N ASP A 471 -26.17 5.56 29.82
CA ASP A 471 -25.53 4.44 30.55
C ASP A 471 -24.00 4.57 30.64
N VAL A 472 -23.38 5.28 29.69
CA VAL A 472 -21.92 5.38 29.62
C VAL A 472 -21.59 6.86 29.47
N PRO A 473 -21.71 7.61 30.58
CA PRO A 473 -21.41 9.04 30.52
C PRO A 473 -19.92 9.27 30.30
N ALA A 474 -19.59 10.35 29.60
CA ALA A 474 -18.21 10.70 29.25
C ALA A 474 -17.66 11.81 30.14
N GLN A 475 -16.68 11.49 30.96
CA GLN A 475 -15.95 12.49 31.72
C GLN A 475 -15.12 13.28 30.73
N PRO A 476 -15.01 14.59 30.94
CA PRO A 476 -14.20 15.38 30.03
C PRO A 476 -12.71 15.08 30.18
N ILE A 477 -11.96 15.40 29.15
CA ILE A 477 -10.50 15.29 29.17
C ILE A 477 -9.94 16.60 29.70
N THR A 478 -9.19 16.53 30.80
CA THR A 478 -8.71 17.74 31.48
C THR A 478 -7.21 17.69 31.58
N THR A 479 -6.60 18.85 31.73
CA THR A 479 -5.16 18.97 32.03
C THR A 479 -4.94 19.85 33.26
N THR A 480 -3.75 19.77 33.85
CA THR A 480 -3.35 20.68 34.94
C THR A 480 -2.62 21.87 34.34
N PHE A 481 -2.55 22.94 35.10
CA PHE A 481 -1.72 24.09 34.77
C PHE A 481 -0.29 23.72 34.34
N LEU A 482 0.35 22.88 35.13
CA LEU A 482 1.75 22.50 34.89
C LEU A 482 1.87 21.66 33.61
N GLU A 483 0.89 20.77 33.38
CA GLU A 483 0.85 20.00 32.15
C GLU A 483 0.78 20.90 30.92
N ARG A 484 -0.02 21.95 30.98
CA ARG A 484 -0.14 22.89 29.87
C ARG A 484 1.09 23.77 29.66
N HIS A 485 1.77 24.18 30.72
CA HIS A 485 2.79 25.25 30.62
C HIS A 485 4.25 24.82 30.87
N LEU A 486 4.50 23.62 31.39
CA LEU A 486 5.89 23.18 31.58
C LEU A 486 6.59 23.09 30.23
N PRO A 487 7.88 23.45 30.18
CA PRO A 487 8.56 23.50 28.91
C PRO A 487 8.89 22.11 28.38
N SER A 488 9.10 22.03 27.08
CA SER A 488 9.72 20.85 26.45
C SER A 488 11.21 20.83 26.84
N VAL A 489 11.91 19.75 26.48
CA VAL A 489 13.35 19.69 26.72
C VAL A 489 14.07 20.80 25.93
N PRO A 490 13.77 20.96 24.62
CA PRO A 490 14.43 22.09 23.93
C PRO A 490 14.04 23.47 24.45
N GLY A 491 12.80 23.61 24.92
CA GLY A 491 12.33 24.84 25.57
C GLY A 491 13.09 25.16 26.84
N LEU A 492 13.33 24.13 27.67
CA LEU A 492 14.16 24.27 28.86
C LEU A 492 15.59 24.70 28.48
N LEU A 493 16.14 24.07 27.45
CA LEU A 493 17.50 24.40 26.98
C LEU A 493 17.59 25.85 26.49
N ARG A 494 16.55 26.33 25.81
CA ARG A 494 16.46 27.75 25.43
C ARG A 494 16.45 28.65 26.66
N LEU A 495 15.57 28.37 27.62
CA LEU A 495 15.53 29.10 28.91
C LEU A 495 16.91 29.18 29.62
N ILE A 496 17.65 28.06 29.60
CA ILE A 496 19.00 28.00 30.21
C ILE A 496 20.01 28.89 29.45
N GLY A 497 20.02 28.80 28.13
CA GLY A 497 20.85 29.66 27.29
C GLY A 497 20.61 31.14 27.50
N LEU A 498 19.35 31.54 27.67
CA LEU A 498 18.98 32.96 27.79
C LEU A 498 19.30 33.55 29.17
N THR A 499 19.00 32.80 30.23
CA THR A 499 19.43 33.15 31.60
C THR A 499 20.91 33.48 31.63
N THR A 500 21.70 32.52 31.15
CA THR A 500 23.15 32.60 31.16
C THR A 500 23.61 33.45 29.97
N ILE A 501 23.32 34.75 30.05
CA ILE A 501 23.53 35.71 28.95
C ILE A 501 23.26 37.12 29.51
N SER B 2 -15.26 -28.17 -18.81
CA SER B 2 -14.05 -27.28 -18.69
C SER B 2 -13.01 -27.55 -19.79
N ASN B 3 -12.12 -26.56 -19.97
CA ASN B 3 -11.11 -26.57 -21.02
C ASN B 3 -9.78 -27.01 -20.38
N LYS B 4 -9.23 -28.16 -20.80
CA LYS B 4 -8.12 -28.79 -20.08
C LYS B 4 -6.81 -28.48 -20.77
N CYS B 5 -5.78 -28.17 -19.99
CA CYS B 5 -4.48 -27.91 -20.56
C CYS B 5 -3.42 -28.22 -19.54
N ASP B 6 -2.16 -28.08 -19.92
CA ASP B 6 -1.04 -28.33 -19.02
C ASP B 6 -0.82 -27.15 -18.04
N VAL B 7 -0.77 -25.93 -18.59
CA VAL B 7 -0.51 -24.71 -17.80
C VAL B 7 -1.40 -23.56 -18.27
N VAL B 8 -2.05 -22.90 -17.31
CA VAL B 8 -2.77 -21.65 -17.55
C VAL B 8 -1.82 -20.53 -17.12
N VAL B 9 -1.65 -19.55 -18.01
CA VAL B 9 -0.89 -18.33 -17.70
C VAL B 9 -1.89 -17.21 -17.57
N VAL B 10 -1.90 -16.57 -16.39
CA VAL B 10 -2.79 -15.44 -16.12
C VAL B 10 -2.01 -14.18 -16.48
N GLY B 11 -2.46 -13.50 -17.55
CA GLY B 11 -1.83 -12.27 -18.01
C GLY B 11 -1.06 -12.47 -19.31
N GLY B 12 -1.38 -11.63 -20.30
CA GLY B 12 -0.77 -11.66 -21.62
C GLY B 12 0.07 -10.43 -21.90
N GLY B 13 0.81 -9.98 -20.88
CA GLY B 13 1.88 -9.02 -21.06
C GLY B 13 3.10 -9.76 -21.54
N ILE B 14 4.23 -9.07 -21.60
CA ILE B 14 5.48 -9.69 -22.05
C ILE B 14 5.89 -10.87 -21.19
N SER B 15 5.67 -10.78 -19.88
CA SER B 15 6.08 -11.84 -18.98
C SER B 15 5.27 -13.11 -19.20
N GLY B 16 3.95 -12.98 -19.17
CA GLY B 16 3.05 -14.11 -19.46
C GLY B 16 3.27 -14.73 -20.83
N MET B 17 3.44 -13.88 -21.83
CA MET B 17 3.71 -14.33 -23.21
C MET B 17 5.03 -15.06 -23.32
N ALA B 18 6.09 -14.50 -22.72
CA ALA B 18 7.38 -15.16 -22.72
C ALA B 18 7.35 -16.54 -22.04
N ALA B 19 6.65 -16.64 -20.91
CA ALA B 19 6.44 -17.93 -20.19
C ALA B 19 5.66 -18.92 -21.06
N ALA B 20 4.55 -18.44 -21.65
CA ALA B 20 3.73 -19.31 -22.51
C ALA B 20 4.48 -19.79 -23.74
N LYS B 21 5.24 -18.91 -24.39
CA LYS B 21 6.07 -19.34 -25.51
C LYS B 21 7.10 -20.43 -25.12
N LEU B 22 7.79 -20.25 -23.99
CA LEU B 22 8.79 -21.23 -23.55
C LEU B 22 8.13 -22.62 -23.30
N LEU B 23 7.00 -22.62 -22.62
CA LEU B 23 6.28 -23.87 -22.34
C LEU B 23 5.72 -24.55 -23.61
N HIS B 24 5.17 -23.73 -24.52
CA HIS B 24 4.69 -24.18 -25.84
C HIS B 24 5.81 -24.81 -26.64
N ASP B 25 6.96 -24.12 -26.68
CA ASP B 25 8.14 -24.59 -27.40
C ASP B 25 8.66 -25.92 -26.82
N SER B 26 8.44 -26.16 -25.51
CA SER B 26 8.82 -27.44 -24.88
CA SER B 26 8.83 -27.44 -24.87
C SER B 26 7.81 -28.55 -25.12
N GLY B 27 6.69 -28.25 -25.77
CA GLY B 27 5.68 -29.25 -26.09
C GLY B 27 4.49 -29.31 -25.14
N LEU B 28 4.39 -28.41 -24.17
CA LEU B 28 3.20 -28.35 -23.35
C LEU B 28 2.06 -27.57 -24.03
N ASN B 29 0.84 -27.92 -23.64
CA ASN B 29 -0.38 -27.22 -24.03
C ASN B 29 -0.66 -26.08 -23.04
N VAL B 30 -0.58 -24.85 -23.53
CA VAL B 30 -0.71 -23.66 -22.70
C VAL B 30 -1.93 -22.88 -23.12
N VAL B 31 -2.54 -22.20 -22.15
CA VAL B 31 -3.59 -21.27 -22.42
C VAL B 31 -3.20 -19.98 -21.70
N VAL B 32 -3.37 -18.85 -22.39
CA VAL B 32 -3.15 -17.54 -21.78
C VAL B 32 -4.47 -16.86 -21.60
N LEU B 33 -4.79 -16.50 -20.36
CA LEU B 33 -6.03 -15.81 -20.05
C LEU B 33 -5.71 -14.33 -19.80
N GLU B 34 -6.21 -13.46 -20.70
CA GLU B 34 -5.92 -12.02 -20.68
C GLU B 34 -7.20 -11.24 -20.41
N ALA B 35 -7.16 -10.37 -19.40
CA ALA B 35 -8.32 -9.59 -18.99
C ALA B 35 -8.83 -8.61 -20.05
N ARG B 36 -7.90 -7.95 -20.74
CA ARG B 36 -8.22 -6.91 -21.70
C ARG B 36 -8.59 -7.47 -23.08
N ASP B 37 -9.11 -6.58 -23.94
CA ASP B 37 -9.32 -6.89 -25.36
C ASP B 37 -8.06 -6.77 -26.22
N ARG B 38 -6.89 -6.67 -25.57
CA ARG B 38 -5.61 -6.64 -26.23
C ARG B 38 -4.55 -7.32 -25.36
N VAL B 39 -3.44 -7.68 -26.00
CA VAL B 39 -2.25 -8.15 -25.30
C VAL B 39 -1.26 -6.99 -25.13
N GLY B 40 -0.21 -7.20 -24.33
CA GLY B 40 0.87 -6.22 -24.16
C GLY B 40 0.94 -5.58 -22.77
N GLY B 41 -0.21 -5.43 -22.12
CA GLY B 41 -0.25 -4.97 -20.73
C GLY B 41 0.26 -3.54 -20.59
N ARG B 42 1.39 -3.39 -19.90
CA ARG B 42 2.02 -2.07 -19.70
C ARG B 42 2.83 -1.61 -20.93
N THR B 43 2.93 -2.48 -21.95
CA THR B 43 3.23 -2.03 -23.32
C THR B 43 1.95 -1.88 -24.14
N TYR B 44 1.94 -0.85 -25.00
CA TYR B 44 0.81 -0.55 -25.88
C TYR B 44 1.32 0.35 -27.01
N THR B 45 1.28 -0.18 -28.22
CA THR B 45 1.69 0.56 -29.41
C THR B 45 0.42 0.95 -30.20
N LEU B 46 0.18 2.26 -30.32
CA LEU B 46 -0.94 2.78 -31.10
C LEU B 46 -0.46 3.06 -32.53
N ARG B 47 -1.25 2.64 -33.53
CA ARG B 47 -0.97 2.98 -34.94
C ARG B 47 -2.09 3.88 -35.50
N ASN B 48 -1.70 4.95 -36.19
CA ASN B 48 -2.59 5.76 -37.04
C ASN B 48 -1.76 6.49 -38.06
N GLN B 49 -2.41 7.17 -39.00
CA GLN B 49 -1.68 7.79 -40.09
C GLN B 49 -0.82 8.96 -39.60
N LYS B 50 -1.28 9.63 -38.55
CA LYS B 50 -0.55 10.82 -38.06
C LYS B 50 0.77 10.51 -37.39
N VAL B 51 0.86 9.35 -36.69
CA VAL B 51 2.06 8.95 -35.95
C VAL B 51 2.82 7.77 -36.60
N LYS B 52 2.18 7.07 -37.53
CA LYS B 52 2.58 5.73 -38.02
C LYS B 52 2.40 4.71 -36.88
N TYR B 53 3.29 4.75 -35.90
CA TYR B 53 3.14 3.99 -34.64
C TYR B 53 3.73 4.82 -33.49
N VAL B 54 3.26 4.61 -32.26
CA VAL B 54 3.83 5.22 -31.07
C VAL B 54 3.67 4.30 -29.87
N ASP B 55 4.77 4.10 -29.13
CA ASP B 55 4.71 3.45 -27.81
C ASP B 55 4.09 4.40 -26.79
N LEU B 56 2.89 4.07 -26.30
CA LEU B 56 2.26 4.80 -25.19
C LEU B 56 2.55 4.19 -23.82
N GLY B 57 3.07 2.97 -23.81
CA GLY B 57 3.61 2.34 -22.61
C GLY B 57 5.11 2.18 -22.71
N GLY B 58 5.62 1.09 -22.15
CA GLY B 58 7.05 0.79 -22.20
C GLY B 58 7.63 0.79 -23.61
N SER B 59 8.80 1.41 -23.76
CA SER B 59 9.41 1.59 -25.08
C SER B 59 10.90 1.26 -25.19
N TYR B 60 11.70 1.73 -24.23
CA TYR B 60 13.16 1.72 -24.35
C TYR B 60 13.77 0.40 -23.93
N VAL B 61 14.80 0.03 -24.67
CA VAL B 61 15.67 -1.07 -24.34
C VAL B 61 17.08 -0.61 -24.57
N GLY B 62 18.01 -1.34 -23.97
CA GLY B 62 19.41 -0.95 -24.01
C GLY B 62 20.38 -2.03 -23.67
N PRO B 63 21.69 -1.72 -23.77
CA PRO B 63 22.72 -2.72 -23.40
C PRO B 63 22.54 -3.31 -22.00
N THR B 64 22.91 -4.58 -21.89
CA THR B 64 22.72 -5.46 -20.71
C THR B 64 21.32 -6.02 -20.59
N GLN B 65 20.39 -5.59 -21.47
CA GLN B 65 19.05 -6.17 -21.48
C GLN B 65 18.96 -7.25 -22.56
N ASN B 66 19.71 -8.31 -22.35
CA ASN B 66 19.93 -9.31 -23.40
C ASN B 66 18.76 -10.25 -23.67
N ARG B 67 17.92 -10.49 -22.66
CA ARG B 67 16.74 -11.36 -22.83
C ARG B 67 15.65 -10.75 -23.72
N ILE B 68 15.26 -9.50 -23.46
CA ILE B 68 14.30 -8.84 -24.33
C ILE B 68 14.84 -8.66 -25.77
N LEU B 69 16.13 -8.34 -25.89
CA LEU B 69 16.72 -8.16 -27.20
C LEU B 69 16.70 -9.47 -28.00
N ARG B 70 17.03 -10.58 -27.34
CA ARG B 70 17.02 -11.92 -27.96
C ARG B 70 15.62 -12.38 -28.37
N LEU B 71 14.66 -12.24 -27.45
CA LEU B 71 13.29 -12.56 -27.75
C LEU B 71 12.72 -11.75 -28.92
N ALA B 72 12.93 -10.43 -28.90
CA ALA B 72 12.45 -9.58 -29.98
C ALA B 72 13.09 -9.95 -31.31
N LYS B 73 14.40 -10.20 -31.30
CA LYS B 73 15.12 -10.57 -32.52
C LYS B 73 14.55 -11.87 -33.12
N GLU B 74 14.24 -12.84 -32.27
CA GLU B 74 13.67 -14.11 -32.70
C GLU B 74 12.29 -13.91 -33.36
N LEU B 75 11.52 -12.98 -32.81
CA LEU B 75 10.22 -12.60 -33.36
C LEU B 75 10.28 -11.70 -34.60
N GLY B 76 11.49 -11.31 -35.02
CA GLY B 76 11.71 -10.58 -36.27
C GLY B 76 11.78 -9.06 -36.12
N LEU B 77 11.98 -8.57 -34.90
CA LEU B 77 12.04 -7.12 -34.63
C LEU B 77 13.47 -6.58 -34.68
N GLU B 78 13.57 -5.27 -34.93
CA GLU B 78 14.82 -4.54 -35.04
C GLU B 78 14.72 -3.35 -34.10
N THR B 79 15.85 -2.84 -33.68
CA THR B 79 15.91 -1.58 -32.90
C THR B 79 16.51 -0.41 -33.68
N TYR B 80 16.28 0.80 -33.17
CA TYR B 80 16.99 1.98 -33.64
C TYR B 80 17.34 2.81 -32.41
N LYS B 81 18.31 3.69 -32.58
CA LYS B 81 18.84 4.46 -31.47
C LYS B 81 18.04 5.73 -31.24
N VAL B 82 17.73 5.99 -29.96
CA VAL B 82 17.09 7.22 -29.53
C VAL B 82 18.08 8.34 -29.83
N ASN B 83 17.60 9.46 -30.38
CA ASN B 83 18.54 10.49 -30.81
C ASN B 83 19.26 11.17 -29.64
N GLU B 84 20.60 11.05 -29.59
CA GLU B 84 21.42 11.74 -28.60
C GLU B 84 22.69 12.32 -29.25
N VAL B 85 22.57 12.73 -30.51
CA VAL B 85 23.72 13.24 -31.25
C VAL B 85 24.15 14.62 -30.72
N GLU B 86 23.18 15.48 -30.51
CA GLU B 86 23.40 16.88 -30.10
C GLU B 86 23.31 17.02 -28.57
N ARG B 87 23.21 18.26 -28.07
CA ARG B 87 23.36 18.49 -26.64
C ARG B 87 22.07 18.22 -25.87
N LEU B 88 22.25 17.71 -24.65
CA LEU B 88 21.16 17.57 -23.68
C LEU B 88 20.95 18.94 -23.05
N ILE B 89 19.78 19.14 -22.44
CA ILE B 89 19.50 20.37 -21.69
C ILE B 89 19.12 20.08 -20.24
N HIS B 90 19.75 20.80 -19.31
CA HIS B 90 19.30 20.89 -17.92
C HIS B 90 18.69 22.27 -17.72
N HIS B 91 17.38 22.34 -17.42
CA HIS B 91 16.70 23.63 -17.20
C HIS B 91 16.55 23.84 -15.69
N VAL B 92 17.24 24.86 -15.17
CA VAL B 92 17.39 25.12 -13.72
C VAL B 92 17.09 26.60 -13.49
N LYS B 93 16.21 26.89 -12.53
CA LYS B 93 15.87 28.27 -12.15
C LYS B 93 15.61 29.14 -13.39
N GLY B 94 14.74 28.61 -14.25
CA GLY B 94 14.27 29.32 -15.43
C GLY B 94 15.26 29.57 -16.56
N LYS B 95 16.34 28.79 -16.61
CA LYS B 95 17.31 28.93 -17.68
C LYS B 95 17.80 27.57 -18.14
N SER B 96 18.06 27.45 -19.46
CA SER B 96 18.56 26.23 -20.07
C SER B 96 20.09 26.20 -20.16
N TYR B 97 20.66 25.10 -19.67
CA TYR B 97 22.09 24.88 -19.67
C TYR B 97 22.37 23.64 -20.53
N PRO B 98 22.83 23.83 -21.77
CA PRO B 98 23.12 22.66 -22.58
C PRO B 98 24.39 21.93 -22.13
N PHE B 99 24.43 20.62 -22.35
CA PHE B 99 25.58 19.81 -21.96
C PHE B 99 25.70 18.52 -22.74
N ARG B 100 26.84 17.84 -22.56
CA ARG B 100 27.09 16.52 -23.16
C ARG B 100 27.51 15.54 -22.06
N GLY B 101 27.38 14.24 -22.31
CA GLY B 101 27.60 13.20 -21.29
C GLY B 101 26.33 13.00 -20.49
N PRO B 102 26.30 11.97 -19.63
CA PRO B 102 25.01 11.61 -19.05
C PRO B 102 24.49 12.48 -17.91
N PHE B 103 25.41 13.13 -17.18
CA PHE B 103 25.07 13.89 -15.95
C PHE B 103 25.26 15.36 -16.24
N PRO B 104 24.32 16.21 -15.82
CA PRO B 104 24.53 17.66 -16.05
C PRO B 104 25.76 18.19 -15.30
N PRO B 105 26.56 19.06 -15.92
CA PRO B 105 27.69 19.65 -15.17
C PRO B 105 27.25 20.57 -14.03
N VAL B 106 28.13 20.67 -13.04
CA VAL B 106 27.94 21.48 -11.85
C VAL B 106 29.23 22.29 -11.73
N TRP B 107 29.10 23.61 -11.58
CA TRP B 107 30.28 24.52 -11.56
C TRP B 107 30.72 25.01 -10.16
N ASN B 108 29.76 25.22 -9.25
CA ASN B 108 30.10 25.63 -7.88
C ASN B 108 30.86 24.48 -7.20
N PRO B 109 32.01 24.78 -6.58
CA PRO B 109 32.85 23.68 -6.03
C PRO B 109 32.19 22.87 -4.90
N ILE B 110 31.40 23.52 -4.06
CA ILE B 110 30.69 22.82 -2.98
C ILE B 110 29.58 21.94 -3.54
N THR B 111 28.79 22.52 -4.42
CA THR B 111 27.74 21.80 -5.13
C THR B 111 28.32 20.61 -5.92
N TYR B 112 29.44 20.83 -6.60
CA TYR B 112 30.15 19.76 -7.27
C TYR B 112 30.45 18.55 -6.37
N LEU B 113 31.04 18.82 -5.21
CA LEU B 113 31.37 17.76 -4.27
C LEU B 113 30.10 17.01 -3.80
N ASP B 114 29.04 17.78 -3.54
CA ASP B 114 27.77 17.22 -3.04
C ASP B 114 27.10 16.30 -4.09
N HIS B 115 27.02 16.76 -5.33
CA HIS B 115 26.47 15.97 -6.43
C HIS B 115 27.29 14.71 -6.67
N ASN B 116 28.61 14.87 -6.77
CA ASN B 116 29.49 13.73 -6.96
C ASN B 116 29.31 12.68 -5.85
N ASN B 117 29.25 13.14 -4.61
CA ASN B 117 29.05 12.24 -3.47
C ASN B 117 27.72 11.53 -3.50
N PHE B 118 26.67 12.23 -3.94
CA PHE B 118 25.33 11.64 -3.96
C PHE B 118 25.29 10.40 -4.86
N TRP B 119 25.71 10.56 -6.12
CA TRP B 119 25.66 9.45 -7.09
C TRP B 119 26.56 8.29 -6.64
N ARG B 120 27.79 8.64 -6.21
CA ARG B 120 28.76 7.67 -5.74
C ARG B 120 28.23 6.87 -4.54
N THR B 121 27.57 7.57 -3.62
CA THR B 121 26.98 6.90 -2.43
C THR B 121 25.83 5.94 -2.77
N MET B 122 24.97 6.31 -3.74
CA MET B 122 23.91 5.40 -4.20
C MET B 122 24.50 4.06 -4.70
N ASP B 123 25.57 4.14 -5.48
CA ASP B 123 26.24 2.93 -5.95
C ASP B 123 27.02 2.18 -4.84
N ASP B 124 27.69 2.91 -3.95
CA ASP B 124 28.37 2.30 -2.78
C ASP B 124 27.39 1.47 -1.95
N MET B 125 26.22 2.05 -1.69
CA MET B 125 25.19 1.36 -0.91
C MET B 125 24.67 0.14 -1.66
N GLY B 126 24.48 0.29 -2.97
CA GLY B 126 23.97 -0.81 -3.79
C GLY B 126 24.84 -2.03 -3.82
N ARG B 127 26.16 -1.84 -3.74
CA ARG B 127 27.10 -2.97 -3.73
C ARG B 127 26.88 -3.93 -2.56
N GLU B 128 26.23 -3.47 -1.49
CA GLU B 128 25.92 -4.34 -0.35
C GLU B 128 24.52 -4.97 -0.40
N ILE B 129 23.81 -4.84 -1.53
CA ILE B 129 22.42 -5.33 -1.65
C ILE B 129 22.37 -6.46 -2.67
N PRO B 130 22.15 -7.72 -2.21
CA PRO B 130 22.05 -8.80 -3.19
C PRO B 130 20.86 -8.61 -4.13
N SER B 131 21.11 -8.71 -5.44
CA SER B 131 20.06 -8.58 -6.45
C SER B 131 18.89 -9.54 -6.24
N ASP B 132 19.22 -10.77 -5.86
CA ASP B 132 18.20 -11.83 -5.64
C ASP B 132 17.60 -11.89 -4.25
N ALA B 133 17.99 -10.99 -3.36
CA ALA B 133 17.58 -11.05 -1.95
C ALA B 133 17.95 -9.75 -1.25
N PRO B 134 17.36 -8.61 -1.68
CA PRO B 134 17.72 -7.33 -1.06
C PRO B 134 17.52 -7.26 0.48
N TRP B 135 16.57 -8.01 0.99
CA TRP B 135 16.32 -8.18 2.44
C TRP B 135 17.51 -8.81 3.21
N LYS B 136 18.50 -9.35 2.49
CA LYS B 136 19.74 -9.86 3.07
C LYS B 136 20.88 -8.84 3.10
N ALA B 137 20.61 -7.60 2.67
CA ALA B 137 21.60 -6.54 2.81
C ALA B 137 21.98 -6.43 4.31
N PRO B 138 23.25 -6.17 4.63
CA PRO B 138 23.66 -6.06 6.04
C PRO B 138 22.88 -5.01 6.84
N LEU B 139 22.58 -3.86 6.23
CA LEU B 139 21.73 -2.83 6.86
C LEU B 139 20.28 -2.84 6.32
N ALA B 140 19.76 -4.01 5.97
CA ALA B 140 18.46 -4.07 5.30
C ALA B 140 17.36 -3.35 6.10
N GLU B 141 17.30 -3.62 7.41
CA GLU B 141 16.24 -3.04 8.25
C GLU B 141 16.38 -1.54 8.36
N GLU B 142 17.58 -1.09 8.66
CA GLU B 142 17.85 0.32 8.78
C GLU B 142 17.46 1.08 7.48
N TRP B 143 17.90 0.56 6.34
CA TRP B 143 17.58 1.19 5.04
C TRP B 143 16.11 1.06 4.64
N ASP B 144 15.46 -0.04 5.01
CA ASP B 144 14.05 -0.23 4.69
C ASP B 144 13.10 0.63 5.53
N ASN B 145 13.56 1.07 6.70
CA ASN B 145 12.73 1.82 7.65
C ASN B 145 12.85 3.32 7.46
N MET B 146 13.57 3.74 6.41
CA MET B 146 13.70 5.13 6.00
C MET B 146 13.09 5.28 4.62
N THR B 147 12.53 6.44 4.34
CA THR B 147 12.15 6.76 2.97
C THR B 147 13.34 7.30 2.18
N MET B 148 13.21 7.36 0.85
CA MET B 148 14.22 8.06 0.05
C MET B 148 14.30 9.53 0.43
N LYS B 149 13.20 10.14 0.86
CA LYS B 149 13.26 11.55 1.29
C LYS B 149 14.21 11.74 2.48
N GLU B 150 14.08 10.86 3.48
CA GLU B 150 14.96 10.92 4.65
C GLU B 150 16.43 10.72 4.28
N LEU B 151 16.70 9.75 3.40
CA LEU B 151 18.07 9.54 2.92
C LEU B 151 18.65 10.77 2.19
N LEU B 152 17.90 11.35 1.25
CA LEU B 152 18.35 12.55 0.54
C LEU B 152 18.56 13.72 1.50
N ASP B 153 17.66 13.87 2.47
CA ASP B 153 17.83 14.91 3.52
C ASP B 153 19.16 14.75 4.29
N LYS B 154 19.55 13.51 4.60
CA LYS B 154 20.85 13.24 5.25
C LYS B 154 22.05 13.43 4.34
N LEU B 155 21.96 12.95 3.10
CA LEU B 155 23.10 12.95 2.17
C LEU B 155 23.42 14.28 1.50
N CYS B 156 22.38 15.03 1.14
CA CYS B 156 22.52 16.21 0.29
C CYS B 156 22.62 17.48 1.11
N TRP B 157 23.83 18.03 1.15
CA TRP B 157 24.08 19.31 1.81
C TRP B 157 23.65 20.53 1.00
N THR B 158 23.42 20.36 -0.31
CA THR B 158 22.97 21.46 -1.18
C THR B 158 21.59 21.15 -1.70
N GLU B 159 20.81 22.21 -1.89
CA GLU B 159 19.47 22.12 -2.48
C GLU B 159 19.56 21.68 -3.93
N SER B 160 20.62 22.11 -4.61
CA SER B 160 20.86 21.71 -5.99
C SER B 160 20.93 20.18 -6.14
N ALA B 161 21.74 19.53 -5.32
CA ALA B 161 21.85 18.06 -5.37
C ALA B 161 20.52 17.39 -4.97
N LYS B 162 19.86 17.94 -3.96
CA LYS B 162 18.59 17.37 -3.48
C LYS B 162 17.47 17.45 -4.54
N GLN B 163 17.41 18.53 -5.29
CA GLN B 163 16.43 18.69 -6.37
C GLN B 163 16.70 17.72 -7.53
N LEU B 164 17.95 17.57 -7.91
CA LEU B 164 18.27 16.61 -8.96
C LEU B 164 18.05 15.16 -8.51
N ALA B 165 18.46 14.84 -7.29
CA ALA B 165 18.19 13.50 -6.69
C ALA B 165 16.70 13.20 -6.59
N THR B 166 15.92 14.22 -6.27
CA THR B 166 14.47 14.05 -6.21
C THR B 166 13.90 13.74 -7.61
N LEU B 167 14.35 14.50 -8.61
CA LEU B 167 13.92 14.28 -9.99
C LEU B 167 14.26 12.85 -10.41
N PHE B 168 15.47 12.41 -10.07
CA PHE B 168 15.94 11.04 -10.34
C PHE B 168 14.98 10.00 -9.80
N VAL B 169 14.58 10.15 -8.54
CA VAL B 169 13.66 9.18 -7.93
C VAL B 169 12.33 9.23 -8.68
N ASN B 170 11.78 10.44 -8.82
CA ASN B 170 10.49 10.64 -9.50
C ASN B 170 10.46 10.00 -10.92
N LEU B 171 11.53 10.18 -11.69
CA LEU B 171 11.61 9.70 -13.07
C LEU B 171 11.82 8.19 -13.11
N CYS B 172 12.66 7.68 -12.22
CA CYS B 172 13.00 6.28 -12.22
CA CYS B 172 13.01 6.24 -12.19
C CYS B 172 11.86 5.36 -11.77
N VAL B 173 11.10 5.79 -10.76
CA VAL B 173 10.09 4.92 -10.13
C VAL B 173 8.70 5.59 -9.98
N THR B 174 8.49 6.71 -10.70
CA THR B 174 7.18 7.37 -10.83
C THR B 174 6.47 7.54 -9.48
N ALA B 175 7.27 7.89 -8.47
CA ALA B 175 6.81 8.05 -7.11
C ALA B 175 7.63 9.11 -6.40
N GLU B 176 7.05 9.64 -5.33
CA GLU B 176 7.69 10.69 -4.57
C GLU B 176 8.75 10.06 -3.65
N THR B 177 9.78 10.83 -3.32
CA THR B 177 10.87 10.36 -2.46
C THR B 177 10.33 9.90 -1.09
N HIS B 178 9.31 10.58 -0.58
CA HIS B 178 8.69 10.20 0.71
C HIS B 178 7.77 8.98 0.66
N GLU B 179 7.42 8.52 -0.54
CA GLU B 179 6.52 7.37 -0.69
C GLU B 179 7.26 6.04 -0.63
N VAL B 180 8.57 6.04 -0.93
CA VAL B 180 9.31 4.81 -1.20
C VAL B 180 10.40 4.50 -0.16
N SER B 181 10.59 3.21 0.10
CA SER B 181 11.72 2.71 0.92
C SER B 181 13.09 3.02 0.27
N ALA B 182 14.04 3.50 1.07
CA ALA B 182 15.42 3.66 0.63
C ALA B 182 16.03 2.34 0.18
N LEU B 183 15.83 1.28 0.98
CA LEU B 183 16.35 -0.06 0.61
C LEU B 183 15.84 -0.50 -0.74
N TRP B 184 14.53 -0.38 -0.94
CA TRP B 184 13.94 -0.84 -2.20
C TRP B 184 14.48 -0.01 -3.38
N PHE B 185 14.58 1.30 -3.20
CA PHE B 185 15.03 2.14 -4.29
C PHE B 185 16.48 1.85 -4.63
N LEU B 186 17.32 1.68 -3.60
CA LEU B 186 18.73 1.36 -3.81
C LEU B 186 18.94 -0.01 -4.48
N TRP B 187 18.11 -0.97 -4.10
CA TRP B 187 18.06 -2.27 -4.80
C TRP B 187 17.69 -2.07 -6.28
N TYR B 188 16.64 -1.28 -6.51
CA TYR B 188 16.10 -1.06 -7.85
C TYR B 188 17.18 -0.54 -8.81
N VAL B 189 17.95 0.43 -8.35
CA VAL B 189 19.02 1.02 -9.17
C VAL B 189 20.13 0.02 -9.38
N LYS B 190 20.53 -0.64 -8.29
CA LYS B 190 21.62 -1.58 -8.34
C LYS B 190 21.33 -2.74 -9.29
N GLN B 191 20.09 -3.22 -9.27
CA GLN B 191 19.72 -4.35 -10.14
C GLN B 191 19.52 -4.00 -11.63
N CYS B 192 19.58 -2.71 -11.99
CA CYS B 192 19.71 -2.29 -13.40
C CYS B 192 21.17 -1.99 -13.77
N GLY B 193 22.10 -2.30 -12.88
CA GLY B 193 23.54 -2.05 -13.13
C GLY B 193 24.11 -0.75 -12.58
N GLY B 194 23.35 -0.04 -11.74
CA GLY B 194 23.80 1.20 -11.13
C GLY B 194 23.34 2.50 -11.76
N THR B 195 23.81 3.61 -11.20
CA THR B 195 23.28 4.93 -11.54
C THR B 195 23.56 5.31 -12.99
N THR B 196 24.80 5.15 -13.44
CA THR B 196 25.14 5.51 -14.82
C THR B 196 24.32 4.71 -15.82
N ARG B 197 24.21 3.40 -15.60
CA ARG B 197 23.51 2.55 -16.52
C ARG B 197 22.03 2.90 -16.58
N ILE B 198 21.41 3.17 -15.42
CA ILE B 198 19.96 3.43 -15.40
C ILE B 198 19.58 4.79 -15.99
N ILE B 199 20.44 5.81 -15.85
CA ILE B 199 20.13 7.16 -16.35
C ILE B 199 20.57 7.46 -17.78
N SER B 200 21.38 6.60 -18.36
CA SER B 200 22.00 6.90 -19.64
C SER B 200 21.09 6.51 -20.79
N THR B 201 21.11 7.33 -21.84
CA THR B 201 20.55 7.00 -23.15
C THR B 201 21.66 6.21 -23.86
N THR B 202 22.67 6.92 -24.38
CA THR B 202 23.83 6.22 -24.96
C THR B 202 24.47 5.33 -23.89
N ASN B 203 24.58 4.02 -24.20
CA ASN B 203 25.14 2.98 -23.32
C ASN B 203 24.33 2.71 -22.03
N GLY B 204 23.03 3.02 -22.04
CA GLY B 204 22.18 2.73 -20.90
C GLY B 204 20.78 2.30 -21.27
N GLY B 205 19.91 2.36 -20.28
CA GLY B 205 18.53 1.86 -20.43
C GLY B 205 17.69 2.52 -21.50
N GLN B 206 17.97 3.78 -21.84
CA GLN B 206 17.18 4.49 -22.82
C GLN B 206 17.86 4.53 -24.21
N GLU B 207 18.81 3.62 -24.51
CA GLU B 207 19.53 3.70 -25.78
C GLU B 207 18.67 3.55 -27.06
N ARG B 208 17.70 2.64 -27.02
CA ARG B 208 17.04 2.15 -28.20
C ARG B 208 15.54 2.01 -28.04
N LYS B 209 14.84 2.01 -29.18
CA LYS B 209 13.43 1.63 -29.25
C LYS B 209 13.28 0.56 -30.33
N PHE B 210 12.17 -0.16 -30.31
CA PHE B 210 11.85 -1.13 -31.36
C PHE B 210 11.20 -0.45 -32.55
N VAL B 211 11.73 -0.74 -33.74
CA VAL B 211 11.09 -0.32 -35.00
C VAL B 211 9.68 -0.93 -35.06
N GLY B 212 8.68 -0.07 -35.18
CA GLY B 212 7.25 -0.45 -35.18
C GLY B 212 6.59 -0.62 -33.83
N GLY B 213 7.33 -0.47 -32.73
CA GLY B 213 6.76 -0.47 -31.39
C GLY B 213 7.00 -1.75 -30.60
N SER B 214 7.06 -1.61 -29.27
CA SER B 214 7.31 -2.73 -28.38
C SER B 214 6.10 -3.66 -28.23
N GLY B 215 4.89 -3.16 -28.49
CA GLY B 215 3.67 -3.98 -28.51
C GLY B 215 3.76 -5.23 -29.39
N GLN B 216 4.60 -5.15 -30.42
CA GLN B 216 4.88 -6.27 -31.33
C GLN B 216 5.46 -7.51 -30.64
N VAL B 217 6.15 -7.35 -29.51
CA VAL B 217 6.65 -8.52 -28.77
C VAL B 217 5.46 -9.39 -28.34
N SER B 218 4.51 -8.80 -27.62
CA SER B 218 3.34 -9.53 -27.17
C SER B 218 2.41 -9.96 -28.31
N GLU B 219 2.21 -9.07 -29.28
CA GLU B 219 1.36 -9.36 -30.45
C GLU B 219 1.88 -10.56 -31.25
N ARG B 220 3.18 -10.57 -31.50
CA ARG B 220 3.77 -11.64 -32.28
C ARG B 220 3.81 -13.00 -31.56
N ILE B 221 3.90 -12.99 -30.21
CA ILE B 221 3.77 -14.23 -29.44
C ILE B 221 2.30 -14.71 -29.49
N MET B 222 1.35 -13.79 -29.35
CA MET B 222 -0.05 -14.12 -29.58
C MET B 222 -0.28 -14.70 -31.00
N ASP B 223 0.41 -14.17 -32.00
CA ASP B 223 0.33 -14.70 -33.39
C ASP B 223 0.75 -16.17 -33.42
N LEU B 224 1.89 -16.47 -32.79
CA LEU B 224 2.36 -17.84 -32.69
C LEU B 224 1.36 -18.75 -31.98
N LEU B 225 0.81 -18.27 -30.87
CA LEU B 225 0.01 -19.13 -30.02
C LEU B 225 -1.44 -19.35 -30.52
N GLY B 226 -1.91 -18.45 -31.39
CA GLY B 226 -3.26 -18.50 -32.00
C GLY B 226 -4.37 -18.46 -30.98
N ASP B 227 -5.28 -19.43 -31.05
CA ASP B 227 -6.43 -19.42 -30.15
C ASP B 227 -6.16 -19.94 -28.73
N ARG B 228 -4.91 -20.23 -28.41
CA ARG B 228 -4.49 -20.49 -27.04
C ARG B 228 -4.57 -19.22 -26.16
N VAL B 229 -4.57 -18.05 -26.80
CA VAL B 229 -4.74 -16.77 -26.13
C VAL B 229 -6.22 -16.41 -26.12
N LYS B 230 -6.76 -16.21 -24.92
CA LYS B 230 -8.16 -15.87 -24.73
C LYS B 230 -8.21 -14.42 -24.22
N LEU B 231 -8.70 -13.52 -25.07
CA LEU B 231 -8.86 -12.11 -24.71
C LEU B 231 -10.19 -11.89 -24.04
N GLU B 232 -10.27 -10.83 -23.21
CA GLU B 232 -11.46 -10.54 -22.40
C GLU B 232 -11.87 -11.70 -21.49
N ARG B 233 -10.85 -12.31 -20.88
CA ARG B 233 -10.97 -13.36 -19.88
C ARG B 233 -10.27 -12.95 -18.57
N PRO B 234 -10.83 -11.96 -17.84
CA PRO B 234 -10.29 -11.65 -16.52
C PRO B 234 -10.47 -12.84 -15.59
N VAL B 235 -9.39 -13.32 -14.98
CA VAL B 235 -9.45 -14.37 -13.97
C VAL B 235 -10.03 -13.81 -12.68
N ILE B 236 -11.04 -14.51 -12.15
CA ILE B 236 -11.73 -14.15 -10.90
C ILE B 236 -11.54 -15.15 -9.74
N TYR B 237 -11.11 -16.38 -10.04
CA TYR B 237 -11.14 -17.46 -9.06
C TYR B 237 -10.17 -18.54 -9.42
N ILE B 238 -9.35 -18.95 -8.43
CA ILE B 238 -8.43 -20.06 -8.58
C ILE B 238 -8.64 -21.03 -7.41
N ASP B 239 -8.89 -22.30 -7.76
CA ASP B 239 -9.19 -23.35 -6.78
C ASP B 239 -8.13 -24.44 -6.91
N GLN B 240 -7.39 -24.66 -5.82
CA GLN B 240 -6.33 -25.67 -5.79
C GLN B 240 -6.64 -26.83 -4.83
N THR B 241 -7.91 -27.02 -4.47
CA THR B 241 -8.26 -28.06 -3.52
C THR B 241 -8.26 -29.46 -4.13
N ARG B 242 -8.37 -29.56 -5.47
CA ARG B 242 -8.52 -30.87 -6.16
C ARG B 242 -7.27 -31.28 -6.95
N GLU B 243 -7.39 -32.44 -7.60
CA GLU B 243 -6.34 -33.03 -8.44
C GLU B 243 -5.74 -32.06 -9.46
N ASN B 244 -6.59 -31.39 -10.23
CA ASN B 244 -6.16 -30.36 -11.18
C ASN B 244 -6.55 -28.99 -10.64
N VAL B 245 -5.78 -27.97 -11.02
CA VAL B 245 -6.08 -26.59 -10.63
C VAL B 245 -7.21 -26.08 -11.53
N LEU B 246 -8.21 -25.42 -10.93
CA LEU B 246 -9.32 -24.86 -11.69
C LEU B 246 -9.21 -23.35 -11.73
N VAL B 247 -9.28 -22.77 -12.93
CA VAL B 247 -9.20 -21.29 -13.09
C VAL B 247 -10.49 -20.81 -13.74
N GLU B 248 -11.20 -19.93 -13.05
CA GLU B 248 -12.43 -19.36 -13.57
C GLU B 248 -12.28 -17.89 -14.02
N THR B 249 -12.94 -17.55 -15.12
CA THR B 249 -12.98 -16.19 -15.66
C THR B 249 -14.32 -15.49 -15.41
N LEU B 250 -14.30 -14.16 -15.55
CA LEU B 250 -15.48 -13.31 -15.33
C LEU B 250 -16.64 -13.63 -16.29
N ASN B 251 -16.28 -13.98 -17.52
CA ASN B 251 -17.25 -14.42 -18.56
C ASN B 251 -17.62 -15.91 -18.46
N HIS B 252 -17.44 -16.48 -17.27
CA HIS B 252 -18.01 -17.77 -16.85
C HIS B 252 -17.32 -19.05 -17.35
N GLU B 253 -16.17 -18.92 -17.99
CA GLU B 253 -15.43 -20.08 -18.46
C GLU B 253 -14.60 -20.68 -17.36
N MET B 254 -14.37 -21.99 -17.46
CA MET B 254 -13.55 -22.74 -16.52
C MET B 254 -12.41 -23.40 -17.26
N TYR B 255 -11.21 -23.25 -16.71
CA TYR B 255 -10.01 -23.86 -17.30
C TYR B 255 -9.41 -24.78 -16.25
N GLU B 256 -8.90 -25.92 -16.70
CA GLU B 256 -8.35 -26.92 -15.81
C GLU B 256 -6.92 -27.16 -16.23
N ALA B 257 -5.99 -27.09 -15.28
CA ALA B 257 -4.58 -27.30 -15.59
C ALA B 257 -3.81 -27.96 -14.46
N LYS B 258 -2.62 -28.44 -14.80
CA LYS B 258 -1.72 -29.01 -13.82
C LYS B 258 -1.02 -27.92 -12.98
N TYR B 259 -0.69 -26.80 -13.62
CA TYR B 259 -0.03 -25.66 -12.96
C TYR B 259 -0.57 -24.33 -13.51
N VAL B 260 -0.29 -23.25 -12.77
CA VAL B 260 -0.66 -21.90 -13.18
C VAL B 260 0.56 -21.00 -13.00
N ILE B 261 0.73 -20.07 -13.94
CA ILE B 261 1.65 -18.96 -13.78
C ILE B 261 0.84 -17.66 -13.63
N SER B 262 1.08 -16.94 -12.52
CA SER B 262 0.52 -15.62 -12.30
C SER B 262 1.50 -14.61 -12.87
N ALA B 263 1.13 -13.97 -13.99
CA ALA B 263 2.02 -13.02 -14.66
C ALA B 263 1.44 -11.61 -14.61
N ILE B 264 0.84 -11.26 -13.47
CA ILE B 264 0.17 -9.97 -13.31
C ILE B 264 0.94 -9.19 -12.26
N PRO B 265 0.78 -7.84 -12.22
CA PRO B 265 1.39 -7.11 -11.10
C PRO B 265 0.96 -7.66 -9.73
N PRO B 266 1.89 -7.71 -8.75
CA PRO B 266 1.56 -8.39 -7.47
C PRO B 266 0.22 -7.98 -6.86
N THR B 267 -0.03 -6.69 -6.74
CA THR B 267 -1.29 -6.24 -6.10
C THR B 267 -2.55 -6.66 -6.87
N LEU B 268 -2.45 -6.86 -8.19
CA LEU B 268 -3.61 -7.31 -8.97
C LEU B 268 -4.00 -8.74 -8.70
N GLY B 269 -3.16 -9.49 -7.97
CA GLY B 269 -3.58 -10.74 -7.33
C GLY B 269 -4.82 -10.56 -6.45
N MET B 270 -5.04 -9.35 -5.94
CA MET B 270 -6.25 -9.10 -5.14
C MET B 270 -7.56 -9.31 -5.88
N LYS B 271 -7.53 -9.19 -7.21
CA LYS B 271 -8.75 -9.32 -8.04
C LYS B 271 -9.19 -10.78 -8.22
N ILE B 272 -8.41 -11.70 -7.67
CA ILE B 272 -8.67 -13.13 -7.75
C ILE B 272 -9.06 -13.65 -6.35
N HIS B 273 -10.16 -14.41 -6.29
CA HIS B 273 -10.59 -15.03 -5.04
C HIS B 273 -9.96 -16.43 -4.99
N PHE B 274 -9.26 -16.76 -3.91
CA PHE B 274 -8.50 -18.02 -3.81
C PHE B 274 -9.15 -19.05 -2.90
N ASN B 275 -9.12 -20.31 -3.34
CA ASN B 275 -9.54 -21.45 -2.53
C ASN B 275 -8.44 -22.51 -2.65
N PRO B 276 -7.78 -22.92 -1.55
CA PRO B 276 -7.95 -22.34 -0.22
C PRO B 276 -7.41 -20.92 -0.18
N PRO B 277 -7.64 -20.20 0.91
CA PRO B 277 -7.08 -18.85 1.00
C PRO B 277 -5.56 -18.84 0.82
N LEU B 278 -5.02 -17.74 0.32
CA LEU B 278 -3.57 -17.59 0.26
C LEU B 278 -2.96 -17.70 1.68
N PRO B 279 -1.69 -18.17 1.79
CA PRO B 279 -1.00 -18.08 3.07
C PRO B 279 -0.93 -16.62 3.55
N MET B 280 -0.88 -16.44 4.87
CA MET B 280 -0.89 -15.11 5.51
C MET B 280 0.03 -14.08 4.87
N MET B 281 1.28 -14.44 4.63
CA MET B 281 2.24 -13.42 4.21
C MET B 281 1.93 -12.89 2.81
N ARG B 282 1.53 -13.77 1.88
CA ARG B 282 1.08 -13.30 0.55
C ARG B 282 -0.25 -12.54 0.61
N ASN B 283 -1.21 -13.03 1.42
CA ASN B 283 -2.50 -12.34 1.63
C ASN B 283 -2.28 -10.86 1.95
N GLN B 284 -1.37 -10.58 2.88
CA GLN B 284 -1.08 -9.19 3.25
C GLN B 284 -0.14 -8.49 2.28
N MET B 285 0.83 -9.20 1.72
CA MET B 285 1.79 -8.57 0.79
C MET B 285 1.09 -7.86 -0.36
N ILE B 286 0.10 -8.52 -0.98
CA ILE B 286 -0.57 -8.02 -2.18
C ILE B 286 -1.47 -6.78 -1.95
N THR B 287 -1.62 -6.36 -0.68
CA THR B 287 -2.22 -5.08 -0.29
C THR B 287 -1.20 -3.98 0.01
N ARG B 288 0.10 -4.27 -0.06
CA ARG B 288 1.15 -3.36 0.42
C ARG B 288 2.07 -2.82 -0.68
N VAL B 289 1.71 -3.09 -1.95
CA VAL B 289 2.62 -2.95 -3.10
C VAL B 289 1.92 -2.21 -4.27
N PRO B 290 1.75 -0.89 -4.14
CA PRO B 290 1.15 -0.10 -5.21
C PRO B 290 2.08 0.10 -6.39
N LEU B 291 1.48 0.52 -7.50
CA LEU B 291 2.25 0.96 -8.67
C LEU B 291 2.26 2.49 -8.76
N GLY B 292 3.29 3.01 -9.40
CA GLY B 292 3.48 4.45 -9.53
C GLY B 292 2.51 5.12 -10.49
N SER B 293 2.70 6.42 -10.68
CA SER B 293 1.76 7.26 -11.41
C SER B 293 2.46 8.05 -12.48
N VAL B 294 1.98 7.93 -13.72
CA VAL B 294 2.59 8.60 -14.85
C VAL B 294 1.59 8.79 -15.99
N ILE B 295 1.69 9.95 -16.65
CA ILE B 295 1.06 10.19 -17.93
C ILE B 295 2.18 10.30 -18.95
N LYS B 296 2.16 9.44 -19.95
CA LYS B 296 3.11 9.52 -21.04
C LYS B 296 2.49 10.34 -22.18
N CYS B 297 3.18 11.41 -22.60
CA CYS B 297 2.68 12.42 -23.54
C CYS B 297 3.65 12.55 -24.71
N ILE B 298 3.13 12.50 -25.94
CA ILE B 298 3.97 12.69 -27.13
C ILE B 298 3.41 13.84 -28.00
N VAL B 299 4.18 14.93 -28.15
CA VAL B 299 3.82 16.07 -28.96
C VAL B 299 4.58 16.02 -30.30
N TYR B 300 3.83 16.08 -31.40
CA TYR B 300 4.35 15.94 -32.76
C TYR B 300 4.53 17.31 -33.41
N TYR B 301 5.60 17.42 -34.21
CA TYR B 301 5.92 18.61 -34.95
C TYR B 301 6.29 18.32 -36.40
N LYS B 302 6.27 19.37 -37.21
CA LYS B 302 6.58 19.24 -38.64
C LYS B 302 8.01 18.74 -38.85
N GLU B 303 8.96 19.28 -38.07
CA GLU B 303 10.38 18.89 -38.14
C GLU B 303 10.97 18.74 -36.73
N PRO B 304 12.08 18.00 -36.60
CA PRO B 304 12.79 17.95 -35.31
C PRO B 304 13.63 19.22 -35.11
N PHE B 305 12.94 20.34 -34.91
CA PHE B 305 13.56 21.68 -35.02
C PHE B 305 14.65 21.97 -34.00
N TRP B 306 14.54 21.30 -32.85
CA TRP B 306 15.53 21.38 -31.80
C TRP B 306 16.94 21.02 -32.29
N ARG B 307 17.04 20.06 -33.21
CA ARG B 307 18.33 19.71 -33.78
C ARG B 307 19.07 20.87 -34.46
N LYS B 308 18.33 21.83 -34.99
CA LYS B 308 18.91 23.02 -35.65
C LYS B 308 19.68 23.93 -34.67
N LYS B 309 19.29 23.89 -33.39
CA LYS B 309 19.99 24.63 -32.32
C LYS B 309 21.00 23.78 -31.57
N ASP B 310 21.35 22.61 -32.14
CA ASP B 310 22.26 21.66 -31.53
C ASP B 310 21.75 21.16 -30.17
N TYR B 311 20.45 20.89 -30.12
CA TYR B 311 19.83 20.20 -28.99
C TYR B 311 19.29 18.85 -29.49
N CYS B 312 19.48 17.78 -28.70
CA CYS B 312 19.03 16.45 -29.13
C CYS B 312 17.56 16.19 -28.85
N GLY B 313 16.95 16.96 -27.96
CA GLY B 313 15.56 16.80 -27.56
C GLY B 313 15.39 16.30 -26.12
N THR B 314 16.49 15.90 -25.48
CA THR B 314 16.50 15.55 -24.08
C THR B 314 16.45 16.82 -23.23
N MET B 315 15.46 16.90 -22.37
CA MET B 315 15.30 17.97 -21.42
C MET B 315 15.15 17.40 -20.02
N ILE B 316 15.94 17.93 -19.08
CA ILE B 316 15.85 17.57 -17.65
C ILE B 316 15.48 18.87 -16.96
N ILE B 317 14.27 18.92 -16.41
CA ILE B 317 13.61 20.19 -16.06
C ILE B 317 13.27 20.14 -14.57
N ASP B 318 14.02 20.91 -13.77
CA ASP B 318 13.84 20.92 -12.31
C ASP B 318 12.58 21.70 -11.93
N GLY B 319 12.01 21.38 -10.77
CA GLY B 319 11.10 22.30 -10.06
C GLY B 319 9.64 21.92 -10.12
N GLU B 320 8.84 22.56 -9.27
CA GLU B 320 7.44 22.21 -9.12
C GLU B 320 6.55 22.65 -10.27
N GLU B 321 6.86 23.79 -10.86
CA GLU B 321 5.97 24.44 -11.83
C GLU B 321 5.86 23.64 -13.15
N ALA B 322 6.99 23.10 -13.62
CA ALA B 322 7.04 22.36 -14.89
C ALA B 322 6.15 21.13 -14.83
N PRO B 323 5.23 20.96 -15.80
CA PRO B 323 4.41 19.73 -15.78
C PRO B 323 5.18 18.43 -16.05
N VAL B 324 6.21 18.54 -16.86
CA VAL B 324 7.03 17.43 -17.34
C VAL B 324 8.46 17.68 -16.88
N ALA B 325 9.07 16.72 -16.19
CA ALA B 325 10.44 16.86 -15.70
C ALA B 325 11.49 16.29 -16.61
N TYR B 326 11.07 15.46 -17.58
CA TYR B 326 12.01 14.77 -18.47
C TYR B 326 11.42 14.48 -19.84
N THR B 327 12.22 14.70 -20.87
CA THR B 327 11.84 14.43 -22.24
C THR B 327 12.96 13.74 -22.99
N LEU B 328 12.57 12.99 -24.02
CA LEU B 328 13.46 12.46 -25.05
C LEU B 328 12.87 12.70 -26.44
N ASP B 329 13.75 12.80 -27.43
CA ASP B 329 13.35 12.89 -28.82
C ASP B 329 12.68 11.57 -29.20
N ASP B 330 11.43 11.63 -29.68
CA ASP B 330 10.69 10.45 -30.15
C ASP B 330 10.57 10.34 -31.69
N THR B 331 11.36 11.13 -32.41
CA THR B 331 11.36 11.16 -33.89
C THR B 331 11.75 9.77 -34.40
N LYS B 332 11.17 9.36 -35.52
CA LYS B 332 11.43 8.07 -36.13
C LYS B 332 12.81 8.10 -36.77
N PRO B 333 13.37 6.91 -37.03
CA PRO B 333 14.76 6.87 -37.47
C PRO B 333 15.01 7.63 -38.77
N GLU B 334 13.98 7.81 -39.57
CA GLU B 334 14.13 8.46 -40.86
C GLU B 334 14.11 10.00 -40.75
N GLY B 335 13.90 10.51 -39.55
CA GLY B 335 13.87 11.96 -39.33
C GLY B 335 12.47 12.46 -39.49
N ASN B 336 11.49 11.56 -39.62
CA ASN B 336 10.11 12.00 -39.81
C ASN B 336 9.30 11.60 -38.60
N TYR B 337 8.07 12.07 -38.61
CA TYR B 337 7.17 12.05 -37.48
C TYR B 337 7.89 12.67 -36.27
N ALA B 338 8.48 13.85 -36.50
CA ALA B 338 9.19 14.56 -35.43
C ALA B 338 8.32 14.68 -34.19
N ALA B 339 8.90 14.40 -33.03
CA ALA B 339 8.14 14.37 -31.79
C ALA B 339 9.04 14.44 -30.54
N ILE B 340 8.48 14.99 -29.47
CA ILE B 340 9.07 14.98 -28.13
C ILE B 340 8.19 14.14 -27.22
N MET B 341 8.81 13.14 -26.58
CA MET B 341 8.14 12.33 -25.55
C MET B 341 8.43 12.97 -24.20
N GLY B 342 7.39 13.18 -23.39
CA GLY B 342 7.55 13.67 -22.04
C GLY B 342 6.73 12.88 -21.02
N PHE B 343 7.22 12.81 -19.77
CA PHE B 343 6.51 12.14 -18.68
C PHE B 343 5.99 13.16 -17.68
N ILE B 344 4.72 13.05 -17.31
CA ILE B 344 4.15 13.83 -16.21
C ILE B 344 4.15 12.85 -15.04
N LEU B 345 4.95 13.16 -14.03
CA LEU B 345 5.39 12.16 -13.04
C LEU B 345 4.73 12.29 -11.67
N ALA B 346 4.37 11.15 -11.08
CA ALA B 346 4.03 11.10 -9.63
C ALA B 346 2.88 12.07 -9.25
N HIS B 347 3.06 12.97 -8.27
CA HIS B 347 1.94 13.86 -7.87
C HIS B 347 1.43 14.75 -9.01
N LYS B 348 2.30 15.11 -9.97
CA LYS B 348 1.84 15.92 -11.10
C LYS B 348 0.86 15.16 -11.99
N ALA B 349 1.01 13.84 -12.07
CA ALA B 349 0.08 13.04 -12.86
C ALA B 349 -1.31 13.15 -12.23
N ARG B 350 -1.36 13.10 -10.90
CA ARG B 350 -2.63 13.21 -10.16
C ARG B 350 -3.20 14.60 -10.33
N LYS B 351 -2.35 15.60 -10.18
CA LYS B 351 -2.78 17.00 -10.26
C LYS B 351 -3.31 17.41 -11.64
N LEU B 352 -2.59 17.02 -12.70
CA LEU B 352 -2.89 17.48 -14.06
C LEU B 352 -3.87 16.60 -14.81
N ALA B 353 -4.21 15.45 -14.24
CA ALA B 353 -5.23 14.60 -14.83
C ALA B 353 -6.60 15.26 -14.88
N ARG B 354 -6.88 16.18 -13.96
CA ARG B 354 -8.13 16.97 -13.96
C ARG B 354 -8.36 17.85 -15.22
N LEU B 355 -7.27 18.24 -15.86
CA LEU B 355 -7.33 19.05 -17.07
C LEU B 355 -7.82 18.26 -18.28
N THR B 356 -8.17 18.98 -19.35
CA THR B 356 -8.49 18.34 -20.62
C THR B 356 -7.20 17.99 -21.36
N LYS B 357 -7.33 17.11 -22.35
CA LYS B 357 -6.26 16.78 -23.27
C LYS B 357 -5.65 18.03 -23.91
N GLU B 358 -6.51 18.94 -24.36
CA GLU B 358 -6.09 20.16 -25.04
C GLU B 358 -5.33 21.09 -24.07
N GLU B 359 -5.81 21.14 -22.83
CA GLU B 359 -5.14 21.91 -21.77
C GLU B 359 -3.73 21.38 -21.43
N ARG B 360 -3.58 20.06 -21.35
CA ARG B 360 -2.25 19.47 -21.18
C ARG B 360 -1.34 19.80 -22.36
N LEU B 361 -1.86 19.71 -23.60
CA LEU B 361 -1.07 20.01 -24.81
C LEU B 361 -0.50 21.43 -24.76
N LYS B 362 -1.36 22.39 -24.45
CA LYS B 362 -0.96 23.78 -24.32
C LYS B 362 0.16 23.98 -23.28
N LYS B 363 0.01 23.39 -22.09
CA LYS B 363 1.02 23.52 -21.03
C LYS B 363 2.36 22.92 -21.41
N LEU B 364 2.31 21.75 -22.07
CA LEU B 364 3.53 21.11 -22.55
C LEU B 364 4.23 21.94 -23.61
N CYS B 365 3.47 22.45 -24.58
CA CYS B 365 4.03 23.24 -25.68
C CYS B 365 4.69 24.51 -25.17
N GLU B 366 4.02 25.17 -24.24
CA GLU B 366 4.60 26.39 -23.62
C GLU B 366 5.87 26.12 -22.80
N LEU B 367 5.89 25.01 -22.07
CA LEU B 367 7.09 24.55 -21.39
C LEU B 367 8.22 24.29 -22.37
N TYR B 368 7.93 23.50 -23.41
CA TYR B 368 8.95 23.16 -24.37
C TYR B 368 9.47 24.39 -25.12
N ALA B 369 8.60 25.37 -25.36
CA ALA B 369 9.04 26.62 -26.01
C ALA B 369 10.07 27.35 -25.15
N LYS B 370 9.83 27.38 -23.85
CA LYS B 370 10.74 28.01 -22.90
C LYS B 370 12.06 27.26 -22.84
N VAL B 371 12.01 25.95 -22.68
CA VAL B 371 13.22 25.16 -22.47
C VAL B 371 14.09 25.06 -23.75
N LEU B 372 13.43 24.82 -24.87
CA LEU B 372 14.13 24.76 -26.16
C LEU B 372 14.40 26.15 -26.75
N GLY B 373 13.87 27.19 -26.14
CA GLY B 373 14.02 28.57 -26.66
C GLY B 373 13.57 28.70 -28.11
N SER B 374 12.39 28.18 -28.41
CA SER B 374 11.89 28.17 -29.77
C SER B 374 10.39 28.34 -29.83
N LEU B 375 9.96 29.31 -30.65
CA LEU B 375 8.55 29.48 -30.92
C LEU B 375 7.96 28.30 -31.72
N GLU B 376 8.78 27.52 -32.39
CA GLU B 376 8.29 26.35 -33.14
C GLU B 376 7.58 25.32 -32.24
N ALA B 377 7.92 25.30 -30.95
CA ALA B 377 7.30 24.38 -29.97
C ALA B 377 5.83 24.67 -29.71
N LEU B 378 5.40 25.89 -30.07
CA LEU B 378 4.03 26.30 -29.96
C LEU B 378 3.14 25.89 -31.15
N GLU B 379 3.68 25.18 -32.15
CA GLU B 379 2.93 24.80 -33.35
C GLU B 379 2.90 23.28 -33.53
N PRO B 380 2.28 22.57 -32.57
CA PRO B 380 2.19 21.11 -32.71
C PRO B 380 1.27 20.70 -33.86
N VAL B 381 1.60 19.58 -34.49
CA VAL B 381 0.78 19.05 -35.59
C VAL B 381 -0.11 17.90 -35.11
N HIS B 382 0.20 17.30 -33.96
CA HIS B 382 -0.56 16.17 -33.43
C HIS B 382 -0.14 15.92 -31.98
N TYR B 383 -0.97 15.21 -31.22
CA TYR B 383 -0.72 14.91 -29.80
C TYR B 383 -1.32 13.55 -29.48
N GLU B 384 -0.56 12.72 -28.77
CA GLU B 384 -1.06 11.47 -28.16
C GLU B 384 -0.60 11.42 -26.69
N GLU B 385 -1.45 10.87 -25.81
CA GLU B 385 -1.09 10.65 -24.42
C GLU B 385 -1.79 9.43 -23.84
N LYS B 386 -1.25 8.93 -22.74
CA LYS B 386 -1.88 7.85 -21.96
C LYS B 386 -1.62 8.02 -20.47
N ASN B 387 -2.71 8.13 -19.71
CA ASN B 387 -2.63 8.17 -18.27
C ASN B 387 -2.78 6.76 -17.70
N TRP B 388 -1.67 6.18 -17.26
CA TRP B 388 -1.67 4.80 -16.75
C TRP B 388 -2.31 4.61 -15.38
N CYS B 389 -2.56 5.71 -14.67
CA CYS B 389 -3.22 5.65 -13.37
C CYS B 389 -4.65 5.17 -13.50
N GLU B 390 -5.26 5.31 -14.68
CA GLU B 390 -6.67 4.95 -14.81
C GLU B 390 -6.94 3.46 -15.17
N GLU B 391 -5.88 2.68 -15.38
CA GLU B 391 -6.00 1.29 -15.86
C GLU B 391 -6.33 0.27 -14.77
N GLN B 392 -7.54 -0.29 -14.83
CA GLN B 392 -7.95 -1.34 -13.90
C GLN B 392 -6.97 -2.55 -13.85
N TYR B 393 -6.48 -2.97 -15.01
CA TYR B 393 -5.67 -4.17 -15.09
C TYR B 393 -4.16 -3.91 -15.20
N SER B 394 -3.73 -2.68 -14.91
CA SER B 394 -2.32 -2.39 -14.62
C SER B 394 -2.13 -1.86 -13.19
N GLY B 395 -2.95 -0.88 -12.77
CA GLY B 395 -2.78 -0.25 -11.44
C GLY B 395 -1.88 1.01 -11.46
N GLY B 396 -1.15 1.18 -12.57
CA GLY B 396 -0.19 2.28 -12.72
C GLY B 396 0.95 1.87 -13.66
N CYS B 397 1.98 2.71 -13.68
CA CYS B 397 3.23 2.46 -14.41
C CYS B 397 4.34 3.27 -13.73
N TYR B 398 5.62 2.93 -13.94
CA TYR B 398 6.05 1.81 -14.80
C TYR B 398 5.88 0.49 -14.08
N THR B 399 6.02 0.54 -12.75
CA THR B 399 6.10 -0.68 -11.98
C THR B 399 5.65 -0.48 -10.54
N THR B 400 5.73 -1.58 -9.80
CA THR B 400 5.43 -1.61 -8.37
C THR B 400 6.54 -1.01 -7.53
N TYR B 401 6.18 -0.10 -6.62
CA TYR B 401 7.10 0.39 -5.61
C TYR B 401 6.79 -0.15 -4.22
N PHE B 402 7.81 -0.15 -3.38
CA PHE B 402 7.72 -0.65 -2.00
C PHE B 402 7.83 0.51 -1.01
N PRO B 403 6.73 0.78 -0.28
CA PRO B 403 6.81 1.76 0.82
C PRO B 403 7.71 1.30 1.95
N PRO B 404 8.07 2.24 2.88
CA PRO B 404 8.98 1.90 3.96
C PRO B 404 8.46 0.72 4.80
N GLY B 405 9.33 -0.23 5.06
CA GLY B 405 9.05 -1.40 5.88
C GLY B 405 8.61 -2.66 5.15
N ILE B 406 8.26 -2.57 3.86
CA ILE B 406 7.54 -3.65 3.22
C ILE B 406 8.47 -4.72 2.65
N LEU B 407 9.56 -4.31 2.03
CA LEU B 407 10.46 -5.26 1.36
C LEU B 407 11.13 -6.23 2.32
N THR B 408 11.55 -5.74 3.49
CA THR B 408 12.17 -6.63 4.49
C THR B 408 11.15 -7.61 5.09
N GLN B 409 9.92 -7.15 5.34
CA GLN B 409 8.89 -8.01 5.95
C GLN B 409 8.19 -8.97 4.99
N TYR B 410 8.03 -8.55 3.74
CA TYR B 410 7.25 -9.31 2.77
C TYR B 410 7.99 -9.66 1.49
N GLY B 411 9.18 -9.12 1.25
CA GLY B 411 9.84 -9.33 -0.05
C GLY B 411 10.12 -10.77 -0.42
N ARG B 412 10.42 -11.60 0.58
CA ARG B 412 10.67 -13.03 0.31
C ARG B 412 9.50 -13.75 -0.30
N VAL B 413 8.28 -13.25 -0.11
CA VAL B 413 7.09 -13.97 -0.58
C VAL B 413 6.84 -13.73 -2.09
N LEU B 414 7.44 -12.71 -2.71
CA LEU B 414 7.03 -12.33 -4.08
C LEU B 414 7.06 -13.47 -5.09
N ARG B 415 8.14 -14.22 -5.13
CA ARG B 415 8.20 -15.31 -6.09
C ARG B 415 8.13 -16.70 -5.46
N GLN B 416 7.71 -16.77 -4.21
CA GLN B 416 7.51 -18.07 -3.57
C GLN B 416 6.26 -18.77 -4.14
N PRO B 417 6.40 -20.00 -4.70
CA PRO B 417 5.22 -20.70 -5.19
C PRO B 417 4.15 -20.92 -4.10
N VAL B 418 2.88 -20.94 -4.50
CA VAL B 418 1.74 -21.26 -3.64
C VAL B 418 1.13 -22.50 -4.24
N ASP B 419 1.59 -23.64 -3.73
CA ASP B 419 1.15 -24.98 -4.19
C ASP B 419 1.55 -25.15 -5.66
N ARG B 420 0.60 -25.06 -6.60
CA ARG B 420 0.89 -25.19 -8.04
C ARG B 420 0.82 -23.86 -8.82
N ILE B 421 0.80 -22.72 -8.11
CA ILE B 421 0.89 -21.39 -8.71
C ILE B 421 2.33 -20.88 -8.56
N TYR B 422 2.95 -20.54 -9.70
CA TYR B 422 4.28 -19.95 -9.78
C TYR B 422 4.12 -18.50 -10.25
N PHE B 423 5.12 -17.66 -9.95
CA PHE B 423 4.96 -16.21 -10.10
C PHE B 423 5.95 -15.62 -11.06
N ALA B 424 5.40 -15.03 -12.12
CA ALA B 424 6.16 -14.31 -13.13
C ALA B 424 5.86 -12.82 -12.92
N GLY B 425 6.02 -12.02 -13.97
CA GLY B 425 5.87 -10.57 -13.87
C GLY B 425 7.19 -9.90 -13.59
N THR B 426 7.39 -8.71 -14.16
CA THR B 426 8.67 -8.03 -14.05
C THR B 426 9.09 -7.74 -12.60
N GLU B 427 8.11 -7.53 -11.70
CA GLU B 427 8.34 -7.33 -10.27
C GLU B 427 9.14 -8.45 -9.59
N THR B 428 9.08 -9.66 -10.15
CA THR B 428 9.79 -10.79 -9.64
C THR B 428 11.18 -11.03 -10.26
N ALA B 429 11.63 -10.16 -11.17
CA ALA B 429 12.95 -10.34 -11.78
C ALA B 429 14.09 -9.93 -10.85
N THR B 430 15.29 -10.35 -11.19
CA THR B 430 16.49 -9.97 -10.43
C THR B 430 17.44 -9.05 -11.21
N HIS B 431 17.14 -8.81 -12.50
CA HIS B 431 17.98 -7.94 -13.37
C HIS B 431 16.98 -7.16 -14.23
N TRP B 432 17.03 -5.84 -14.14
CA TRP B 432 16.04 -4.94 -14.75
C TRP B 432 14.59 -5.29 -14.43
N SER B 433 14.33 -5.69 -13.18
CA SER B 433 12.96 -5.69 -12.64
C SER B 433 12.39 -4.29 -12.84
N GLY B 434 11.12 -4.23 -13.27
CA GLY B 434 10.45 -2.97 -13.63
C GLY B 434 10.37 -2.69 -15.12
N TYR B 435 11.18 -3.41 -15.90
CA TYR B 435 11.38 -3.23 -17.32
C TYR B 435 10.92 -4.46 -18.12
N MET B 436 10.84 -4.28 -19.43
CA MET B 436 10.54 -5.38 -20.37
C MET B 436 11.57 -6.51 -20.22
N GLU B 437 12.84 -6.16 -20.03
CA GLU B 437 13.88 -7.16 -19.74
C GLU B 437 13.51 -8.05 -18.54
N GLY B 438 13.11 -7.43 -17.43
CA GLY B 438 12.69 -8.19 -16.26
C GLY B 438 11.47 -9.06 -16.49
N ALA B 439 10.52 -8.56 -17.28
CA ALA B 439 9.36 -9.36 -17.64
C ALA B 439 9.77 -10.69 -18.31
N VAL B 440 10.73 -10.62 -19.24
CA VAL B 440 11.22 -11.84 -19.93
C VAL B 440 11.94 -12.76 -18.94
N GLU B 441 12.85 -12.22 -18.14
CA GLU B 441 13.56 -13.02 -17.14
C GLU B 441 12.60 -13.83 -16.28
N ALA B 442 11.61 -13.13 -15.75
CA ALA B 442 10.65 -13.71 -14.79
C ALA B 442 9.72 -14.73 -15.41
N GLY B 443 9.26 -14.46 -16.64
CA GLY B 443 8.36 -15.37 -17.33
C GLY B 443 9.06 -16.69 -17.66
N GLU B 444 10.27 -16.57 -18.16
CA GLU B 444 11.07 -17.73 -18.54
C GLU B 444 11.50 -18.55 -17.33
N ARG B 445 11.86 -17.87 -16.23
CA ARG B 445 12.18 -18.53 -14.96
C ARG B 445 10.98 -19.27 -14.36
N ALA B 446 9.81 -18.61 -14.28
CA ALA B 446 8.60 -19.25 -13.78
C ALA B 446 8.23 -20.47 -14.61
N ALA B 447 8.33 -20.32 -15.94
CA ALA B 447 8.08 -21.47 -16.83
C ALA B 447 9.03 -22.66 -16.52
N ARG B 448 10.31 -22.38 -16.37
CA ARG B 448 11.31 -23.41 -16.04
C ARG B 448 11.14 -24.00 -14.63
N GLU B 449 10.60 -23.23 -13.65
CA GLU B 449 10.23 -23.82 -12.35
C GLU B 449 9.19 -24.92 -12.58
N ILE B 450 8.24 -24.69 -13.48
CA ILE B 450 7.23 -25.71 -13.79
C ILE B 450 7.84 -26.89 -14.53
N LEU B 451 8.69 -26.63 -15.53
CA LEU B 451 9.39 -27.74 -16.21
C LEU B 451 10.16 -28.62 -15.19
N HIS B 452 10.81 -27.99 -14.21
CA HIS B 452 11.49 -28.73 -13.14
C HIS B 452 10.52 -29.50 -12.25
N ALA B 453 9.39 -28.88 -11.88
CA ALA B 453 8.40 -29.59 -11.06
C ALA B 453 7.83 -30.81 -11.79
N MET B 454 7.78 -30.76 -13.12
CA MET B 454 7.34 -31.89 -13.93
C MET B 454 8.42 -32.95 -14.15
N GLY B 455 9.65 -32.71 -13.69
CA GLY B 455 10.76 -33.64 -13.88
C GLY B 455 11.47 -33.54 -15.21
N LYS B 456 11.17 -32.50 -16.00
CA LYS B 456 11.70 -32.37 -17.36
C LYS B 456 13.10 -31.76 -17.43
N ILE B 457 13.45 -30.92 -16.46
CA ILE B 457 14.78 -30.33 -16.38
C ILE B 457 15.28 -30.39 -14.95
N PRO B 458 16.62 -30.37 -14.75
CA PRO B 458 17.16 -30.33 -13.41
C PRO B 458 17.07 -28.95 -12.77
N GLU B 459 17.20 -28.93 -11.45
CA GLU B 459 17.11 -27.67 -10.67
C GLU B 459 18.04 -26.57 -11.15
N ASP B 460 19.26 -26.95 -11.51
CA ASP B 460 20.24 -25.95 -11.96
C ASP B 460 19.95 -25.28 -13.30
N GLU B 461 18.90 -25.71 -14.01
CA GLU B 461 18.45 -25.06 -15.25
C GLU B 461 17.28 -24.09 -15.07
N ILE B 462 16.79 -23.94 -13.84
CA ILE B 462 15.70 -22.99 -13.53
C ILE B 462 16.12 -21.55 -13.84
N TRP B 463 17.29 -21.13 -13.34
CA TRP B 463 17.85 -19.83 -13.65
C TRP B 463 18.92 -20.03 -14.71
N GLN B 464 18.86 -19.23 -15.76
CA GLN B 464 19.71 -19.42 -16.93
C GLN B 464 20.33 -18.06 -17.34
N SER B 465 21.64 -18.04 -17.54
CA SER B 465 22.33 -16.87 -18.05
C SER B 465 21.93 -16.60 -19.51
N GLU B 466 22.24 -15.40 -19.99
CA GLU B 466 21.86 -14.97 -21.34
C GLU B 466 23.09 -14.46 -22.06
N PRO B 467 23.43 -14.97 -23.24
CA PRO B 467 24.55 -14.39 -23.99
C PRO B 467 24.34 -12.93 -24.36
N GLU B 468 25.43 -12.16 -24.42
CA GLU B 468 25.33 -10.76 -24.79
C GLU B 468 24.85 -10.59 -26.23
N SER B 469 23.94 -9.63 -26.42
CA SER B 469 23.46 -9.26 -27.74
C SER B 469 24.62 -8.83 -28.63
N VAL B 470 24.64 -9.34 -29.86
CA VAL B 470 25.65 -8.90 -30.83
C VAL B 470 25.31 -7.51 -31.39
N ASP B 471 24.02 -7.18 -31.41
CA ASP B 471 23.51 -5.94 -32.00
C ASP B 471 23.59 -4.75 -31.05
N VAL B 472 23.49 -5.02 -29.75
CA VAL B 472 23.50 -3.96 -28.73
C VAL B 472 24.50 -4.36 -27.65
N PRO B 473 25.79 -4.36 -27.98
CA PRO B 473 26.78 -4.72 -26.96
C PRO B 473 26.93 -3.63 -25.88
N ALA B 474 27.24 -4.07 -24.67
CA ALA B 474 27.46 -3.13 -23.56
C ALA B 474 28.92 -2.68 -23.51
N GLN B 475 29.15 -1.38 -23.35
CA GLN B 475 30.45 -0.85 -23.02
C GLN B 475 30.52 -0.69 -21.50
N PRO B 476 31.73 -0.86 -20.92
CA PRO B 476 31.90 -0.75 -19.47
C PRO B 476 31.49 0.62 -18.90
N ILE B 477 30.97 0.62 -17.67
CA ILE B 477 30.74 1.87 -16.91
C ILE B 477 32.08 2.23 -16.24
N THR B 478 32.53 3.46 -16.44
CA THR B 478 33.81 3.90 -15.89
C THR B 478 33.61 5.10 -14.98
N THR B 479 34.60 5.31 -14.10
CA THR B 479 34.69 6.51 -13.25
C THR B 479 36.10 7.11 -13.32
N THR B 480 36.24 8.37 -12.97
CA THR B 480 37.56 9.02 -12.91
C THR B 480 38.13 8.92 -11.50
N PHE B 481 39.43 9.13 -11.41
CA PHE B 481 40.12 9.20 -10.14
C PHE B 481 39.48 10.21 -9.17
N LEU B 482 39.23 11.41 -9.67
CA LEU B 482 38.61 12.47 -8.88
C LEU B 482 37.21 12.07 -8.41
N GLU B 483 36.40 11.52 -9.32
CA GLU B 483 35.06 11.06 -8.96
C GLU B 483 35.10 10.06 -7.79
N ARG B 484 36.07 9.14 -7.85
CA ARG B 484 36.22 8.12 -6.81
C ARG B 484 36.72 8.68 -5.48
N HIS B 485 37.56 9.73 -5.50
CA HIS B 485 38.31 10.16 -4.30
C HIS B 485 38.01 11.56 -3.73
N LEU B 486 37.32 12.42 -4.49
CA LEU B 486 36.92 13.70 -3.94
C LEU B 486 36.05 13.53 -2.71
N PRO B 487 36.29 14.37 -1.69
CA PRO B 487 35.51 14.27 -0.47
C PRO B 487 34.04 14.72 -0.64
N SER B 488 33.19 14.23 0.24
CA SER B 488 31.84 14.77 0.41
C SER B 488 31.93 16.17 1.03
N VAL B 489 30.80 16.86 1.15
CA VAL B 489 30.79 18.15 1.84
C VAL B 489 31.20 18.03 3.33
N PRO B 490 30.60 17.08 4.10
CA PRO B 490 31.05 16.92 5.49
C PRO B 490 32.48 16.38 5.60
N GLY B 491 32.89 15.58 4.61
CA GLY B 491 34.28 15.19 4.45
C GLY B 491 35.24 16.35 4.29
N LEU B 492 34.87 17.35 3.49
CA LEU B 492 35.68 18.55 3.33
C LEU B 492 35.71 19.37 4.63
N LEU B 493 34.58 19.38 5.34
CA LEU B 493 34.47 20.06 6.65
C LEU B 493 35.32 19.39 7.73
N ARG B 494 35.25 18.05 7.82
CA ARG B 494 36.14 17.27 8.74
C ARG B 494 37.64 17.55 8.52
N LEU B 495 38.03 17.91 7.29
CA LEU B 495 39.39 18.41 6.99
C LEU B 495 39.62 19.90 7.36
N ILE B 496 38.69 20.53 8.09
CA ILE B 496 38.76 21.95 8.46
C ILE B 496 38.18 22.16 9.87
PA FAD C . -15.81 -5.45 8.54
O1A FAD C . -16.10 -5.87 9.96
O2A FAD C . -14.48 -5.84 7.93
O5B FAD C . -16.98 -5.99 7.62
C5B FAD C . -16.81 -6.20 6.22
C4B FAD C . -17.60 -7.41 5.78
O4B FAD C . -17.52 -7.47 4.36
C3B FAD C . -17.05 -8.72 6.34
O3B FAD C . -18.09 -9.49 6.96
C2B FAD C . -16.45 -9.41 5.12
O2B FAD C . -16.46 -10.84 5.15
C1B FAD C . -17.26 -8.81 3.95
N9A FAD C . -16.63 -8.80 2.60
C8A FAD C . -15.37 -8.52 2.26
N7A FAD C . -15.23 -8.60 0.90
C5A FAD C . -16.42 -8.93 0.39
C6A FAD C . -16.90 -9.14 -0.91
N6A FAD C . -16.12 -9.04 -2.01
N1A FAD C . -18.21 -9.46 -1.07
C2A FAD C . -19.03 -9.56 -0.01
N3A FAD C . -18.62 -9.38 1.26
C4A FAD C . -17.31 -9.04 1.48
N1 FAD C . -12.94 -2.06 17.33
C2 FAD C . -13.52 -1.62 18.50
O2 FAD C . -14.45 -0.79 18.50
N3 FAD C . -13.05 -2.06 19.70
C4 FAD C . -12.02 -2.96 19.75
O4 FAD C . -11.64 -3.40 20.85
C4X FAD C . -11.42 -3.42 18.57
N5 FAD C . -10.39 -4.30 18.60
C5X FAD C . -10.03 -4.98 17.48
C6 FAD C . -9.23 -6.12 17.60
C7 FAD C . -9.09 -6.98 16.51
C7M FAD C . -8.21 -8.19 16.71
C8 FAD C . -9.79 -6.72 15.30
C8M FAD C . -9.81 -7.56 14.03
C9 FAD C . -10.56 -5.56 15.22
C9A FAD C . -10.71 -4.67 16.29
N10 FAD C . -11.37 -3.47 16.21
C10 FAD C . -11.93 -2.97 17.34
C1' FAD C . -11.92 -2.94 14.95
C2' FAD C . -13.35 -3.40 14.60
O2' FAD C . -13.50 -4.85 14.63
C3' FAD C . -13.70 -2.82 13.22
O3' FAD C . -13.53 -1.41 13.20
C4' FAD C . -15.14 -3.05 12.75
O4' FAD C . -15.61 -4.37 13.09
C5' FAD C . -15.21 -2.86 11.23
O5' FAD C . -16.56 -2.95 10.76
P FAD C . -16.88 -2.81 9.20
O1P FAD C . -18.33 -3.24 9.09
O2P FAD C . -16.45 -1.43 8.72
O3P FAD C . -15.91 -3.84 8.42
OAD E8Z D . -5.41 -0.26 24.20
CAT E8Z D . -5.64 0.17 23.04
CAV E8Z D . -6.52 -0.52 22.11
CAJ E8Z D . -7.09 -1.75 22.41
CAF E8Z D . -7.93 -2.38 21.47
CAE E8Z D . -8.21 -1.81 20.25
CAI E8Z D . -7.64 -0.59 19.96
CAU E8Z D . -6.80 0.04 20.88
OAN E8Z D . -6.27 1.27 20.52
CAK E8Z D . -5.45 1.97 21.41
CAS E8Z D . -4.99 1.38 22.58
CAO E8Z D . -3.93 2.12 23.35
OAC E8Z D . -3.37 3.07 22.81
NAM E8Z D . -3.59 1.75 24.61
CAR E8Z D . -2.60 2.26 25.51
CAL E8Z D . -1.47 2.99 25.13
CAQ E8Z D . -0.55 3.44 26.08
CAB E8Z D . 0.62 4.23 25.57
CAP E8Z D . -0.73 3.17 27.45
CAA E8Z D . 0.22 3.66 28.49
CAG E8Z D . -1.86 2.44 27.83
CAH E8Z D . -2.78 1.98 26.87
C1 C15 E . 15.35 17.81 16.30
C2 C15 E . 15.76 17.20 17.64
C3 C15 E . 16.38 15.81 17.44
N1 C15 E . 16.79 15.14 18.69
C1N C15 E . 15.60 14.88 19.56
C2N C15 E . 17.33 13.83 18.29
C12 C15 E . 21.74 19.08 19.46
C13 C15 E . 21.23 17.79 18.80
C14 C15 E . 20.09 17.12 19.59
C15 C15 E . 19.01 16.49 18.68
C16 C15 E . 17.83 15.89 19.48
S1 C15 E . 15.26 19.47 16.40
O1S C15 E . 14.71 19.97 15.18
O2S C15 E . 16.58 20.01 16.59
O3S C15 E . 14.29 19.92 17.64
C1 GOL F . 11.84 -10.39 28.49
O1 GOL F . 12.31 -11.40 29.39
C2 GOL F . 10.81 -9.49 29.18
O2 GOL F . 11.43 -8.71 30.20
C3 GOL F . 10.16 -8.60 28.12
O3 GOL F . 10.98 -7.48 27.78
PA FAD G . 2.01 -6.39 -17.58
O1A FAD G . 2.52 -5.75 -18.86
O2A FAD G . 1.25 -5.48 -16.63
O5B FAD G . 1.08 -7.62 -18.01
C5B FAD G . 0.09 -8.14 -17.15
C4B FAD G . -1.11 -8.57 -17.97
O4B FAD G . -2.01 -9.20 -17.08
C3B FAD G . -1.85 -7.42 -18.64
O3B FAD G . -2.02 -7.62 -20.05
C2B FAD G . -3.16 -7.37 -17.88
O2B FAD G . -4.24 -6.84 -18.62
C1B FAD G . -3.34 -8.80 -17.40
N9A FAD G . -4.19 -9.03 -16.20
C8A FAD G . -4.28 -8.30 -15.08
N7A FAD G . -5.17 -8.83 -14.22
C5A FAD G . -5.67 -9.93 -14.83
C6A FAD G . -6.62 -10.88 -14.46
N6A FAD G . -7.25 -10.83 -13.27
N1A FAD G . -6.89 -11.91 -15.32
C2A FAD G . -6.28 -12.00 -16.52
N3A FAD G . -5.37 -11.09 -16.92
C4A FAD G . -5.05 -10.05 -16.08
N1 FAD G . 9.87 -0.73 -19.53
C2 FAD G . 10.99 -0.73 -20.31
O2 FAD G . 11.67 -1.76 -20.47
N3 FAD G . 11.33 0.40 -21.00
C4 FAD G . 10.58 1.54 -20.87
O4 FAD G . 10.89 2.54 -21.55
C4X FAD G . 9.46 1.57 -20.05
N5 FAD G . 8.69 2.70 -19.92
C5X FAD G . 7.49 2.65 -19.30
C6 FAD G . 6.59 3.70 -19.46
C7 FAD G . 5.22 3.56 -19.20
C7M FAD G . 4.35 4.77 -19.41
C8 FAD G . 4.71 2.34 -18.75
C8M FAD G . 3.25 2.03 -18.43
C9 FAD G . 5.63 1.29 -18.58
C9A FAD G . 7.03 1.39 -18.85
N10 FAD G . 7.96 0.40 -18.64
C10 FAD G . 9.09 0.39 -19.39
C1' FAD G . 7.62 -0.82 -17.88
C2' FAD G . 7.27 -2.03 -18.77
O2' FAD G . 6.20 -1.68 -19.66
C3' FAD G . 6.88 -3.19 -17.85
O3' FAD G . 7.97 -3.55 -17.00
C4' FAD G . 6.43 -4.47 -18.56
O4' FAD G . 5.62 -4.15 -19.70
C5' FAD G . 5.67 -5.32 -17.54
O5' FAD G . 5.39 -6.61 -18.11
P FAD G . 4.58 -7.75 -17.34
O1P FAD G . 4.22 -8.82 -18.32
O2P FAD G . 5.33 -8.11 -16.09
O3P FAD G . 3.25 -7.03 -16.79
OAD E8Z H . 15.14 8.10 -18.22
CAT E8Z H . 14.75 7.25 -17.42
CAV E8Z H . 13.68 6.33 -17.74
CAJ E8Z H . 12.89 6.45 -18.91
CAF E8Z H . 11.87 5.51 -19.16
CAE E8Z H . 11.61 4.48 -18.27
CAI E8Z H . 12.38 4.37 -17.12
CAU E8Z H . 13.39 5.29 -16.87
OAN E8Z H . 14.13 5.11 -15.70
CAK E8Z H . 15.04 6.07 -15.29
CAS E8Z H . 15.40 7.13 -16.12
CAO E8Z H . 16.37 8.09 -15.58
OAC E8Z H . 16.71 7.99 -14.39
NAM E8Z H . 16.88 9.05 -16.37
CAR E8Z H . 17.69 10.17 -16.04
CAL E8Z H . 17.89 10.64 -14.74
CAQ E8Z H . 18.71 11.74 -14.49
CAB E8Z H . 18.86 12.20 -13.07
CAP E8Z H . 19.38 12.37 -15.54
CAA E8Z H . 20.27 13.54 -15.30
CAG E8Z H . 19.20 11.90 -16.85
CAH E8Z H . 18.38 10.80 -17.09
C1 C15 I . 23.08 14.86 8.29
C2 C15 I . 23.31 16.24 7.67
C3 C15 I . 21.96 16.95 7.51
N1 C15 I . 21.98 18.10 6.60
C1N C15 I . 22.42 17.73 5.23
C2N C15 I . 20.60 18.61 6.56
C16 C15 I . 22.85 19.17 7.13
S1 C15 I . 24.22 14.45 9.44
O1S C15 I . 23.66 13.39 10.21
O2S C15 I . 25.61 13.95 8.72
O3S C15 I . 24.52 15.55 10.31
C1 GOL J . 9.95 25.55 -15.75
O1 GOL J . 8.85 25.23 -14.91
C2 GOL J . 9.73 27.02 -16.01
O2 GOL J . 10.27 27.71 -14.88
C3 GOL J . 10.40 27.45 -17.29
O3 GOL J . 11.55 28.20 -16.93
#